data_4X6X
#
_entry.id   4X6X
#
_cell.length_a   129.406
_cell.length_b   80.544
_cell.length_c   88.253
_cell.angle_alpha   90.000
_cell.angle_beta   125.700
_cell.angle_gamma   90.000
#
_symmetry.space_group_name_H-M   'C 1 2 1'
#
loop_
_entity.id
_entity.type
_entity.pdbx_description
1 polymer 'Bifunctional epoxide hydrolase 2'
2 non-polymer '3-{4-[(1-{[(1s,2R,3S)-2,3-diphenylcyclopropyl]carbamoyl}piperidin-4-yl)oxy]phenyl}propanoic acid'
3 water water
#
_entity_poly.entity_id   1
_entity_poly.type   'polypeptide(L)'
_entity_poly.pdbx_seq_one_letter_code
;MKKGHHHHHHTSCNPSDMSHGYVTVKPRVRLHFVELGSGPAVCLCHGFPESWYSWRYQIPALAQAGYRVLAMDMKGYGES
SAPPEIEEYCMEVLCKEMVTFLDKLGLSQAVFIGHDWGGMLVWYMALFYPERVRAVASLNTPFIPANPNMSPLESIKANP
VFDYQLYFQEPGVAEAELEQNLSRTFKSLFRASDESVLSMHKVCEAGGLFVNSPEEPSLSRMVTEEEIQFYVQQFKKSGF
RGPLNWYRNMERNWKWACKSLGRKILIPALMVTAEKDFVLVPQMSQHMEDWIPHLKRGHIEDCGHWTQMDKPTEVNQILI
KWLDSDARNPPVVSKM
;
_entity_poly.pdbx_strand_id   A,B
#
loop_
_chem_comp.id
_chem_comp.type
_chem_comp.name
_chem_comp.formula
S74 non-polymer '3-{4-[(1-{[(1s,2R,3S)-2,3-diphenylcyclopropyl]carbamoyl}piperidin-4-yl)oxy]phenyl}propanoic acid' 'C30 H32 N2 O4'
#
# COMPACT_ATOMS: atom_id res chain seq x y z
N THR A 11 -17.77 -7.50 9.75
CA THR A 11 -16.85 -8.65 9.98
C THR A 11 -16.15 -9.17 8.72
N SER A 12 -16.50 -8.67 7.53
CA SER A 12 -15.86 -9.10 6.28
C SER A 12 -15.19 -7.95 5.52
N CYS A 13 -14.81 -8.19 4.27
CA CYS A 13 -14.13 -7.19 3.43
C CYS A 13 -14.86 -6.97 2.12
N ASN A 14 -15.12 -5.71 1.78
CA ASN A 14 -15.59 -5.33 0.45
C ASN A 14 -14.36 -4.89 -0.36
N PRO A 15 -14.02 -5.61 -1.45
CA PRO A 15 -12.82 -5.33 -2.24
C PRO A 15 -12.62 -3.87 -2.65
N SER A 16 -13.69 -3.23 -3.10
CA SER A 16 -13.61 -1.83 -3.53
C SER A 16 -13.37 -0.85 -2.37
N ASP A 17 -13.58 -1.29 -1.13
CA ASP A 17 -13.29 -0.47 0.05
C ASP A 17 -11.91 -0.71 0.66
N MET A 18 -11.11 -1.56 0.04
CA MET A 18 -9.77 -1.86 0.57
C MET A 18 -8.70 -0.96 -0.06
N SER A 19 -7.60 -0.77 0.66
CA SER A 19 -6.38 -0.21 0.07
C SER A 19 -5.68 -1.31 -0.69
N HIS A 20 -5.39 -1.08 -1.97
CA HIS A 20 -4.70 -2.05 -2.82
C HIS A 20 -3.28 -1.61 -3.10
N GLY A 21 -2.32 -2.46 -2.73
CA GLY A 21 -0.89 -2.20 -2.93
C GLY A 21 -0.26 -3.11 -3.96
N TYR A 22 0.78 -2.61 -4.64
CA TYR A 22 1.47 -3.34 -5.69
C TYR A 22 2.96 -3.13 -5.56
N VAL A 23 3.71 -4.22 -5.51
CA VAL A 23 5.16 -4.17 -5.42
C VAL A 23 5.76 -5.02 -6.54
N THR A 24 6.67 -4.42 -7.32
CA THR A 24 7.39 -5.15 -8.36
C THR A 24 8.62 -5.78 -7.72
N VAL A 25 8.67 -7.12 -7.69
CA VAL A 25 9.78 -7.83 -7.05
C VAL A 25 10.89 -8.24 -8.04
N LYS A 26 10.55 -8.27 -9.33
CA LYS A 26 11.54 -8.43 -10.39
C LYS A 26 10.87 -7.95 -11.68
N PRO A 27 11.65 -7.69 -12.74
CA PRO A 27 11.13 -6.94 -13.90
C PRO A 27 9.65 -7.13 -14.24
N ARG A 28 9.23 -8.36 -14.53
CA ARG A 28 7.84 -8.58 -14.96
C ARG A 28 6.99 -9.29 -13.89
N VAL A 29 7.36 -9.14 -12.63
CA VAL A 29 6.63 -9.82 -11.56
C VAL A 29 6.26 -8.83 -10.48
N ARG A 30 4.98 -8.57 -10.32
CA ARG A 30 4.53 -7.77 -9.21
C ARG A 30 3.49 -8.48 -8.36
N LEU A 31 3.59 -8.24 -7.06
CA LEU A 31 2.69 -8.85 -6.12
C LEU A 31 1.70 -7.80 -5.65
N HIS A 32 0.44 -8.20 -5.65
CA HIS A 32 -0.65 -7.40 -5.20
C HIS A 32 -1.02 -7.80 -3.78
N PHE A 33 -1.37 -6.82 -2.96
CA PHE A 33 -1.87 -7.08 -1.62
C PHE A 33 -2.92 -6.07 -1.23
N VAL A 34 -3.72 -6.43 -0.24
CA VAL A 34 -4.65 -5.51 0.39
C VAL A 34 -4.06 -5.19 1.77
N GLU A 35 -4.26 -3.95 2.22
CA GLU A 35 -3.63 -3.47 3.43
C GLU A 35 -4.64 -2.77 4.35
N LEU A 36 -4.67 -3.16 5.62
CA LEU A 36 -5.55 -2.55 6.60
C LEU A 36 -4.91 -2.52 7.98
N GLY A 37 -5.01 -1.36 8.63
CA GLY A 37 -4.62 -1.20 10.02
C GLY A 37 -3.26 -0.59 10.25
N SER A 38 -3.00 -0.26 11.51
CA SER A 38 -1.72 0.24 11.95
C SER A 38 -1.20 -0.71 13.02
N GLY A 39 0.12 -0.70 13.21
CA GLY A 39 0.79 -1.57 14.17
C GLY A 39 1.83 -2.46 13.49
N PRO A 40 2.28 -3.51 14.21
CA PRO A 40 3.24 -4.45 13.61
C PRO A 40 2.69 -5.11 12.34
N ALA A 41 3.57 -5.32 11.36
CA ALA A 41 3.17 -5.87 10.08
C ALA A 41 2.89 -7.36 10.19
N VAL A 42 1.73 -7.76 9.68
CA VAL A 42 1.33 -9.17 9.61
C VAL A 42 0.99 -9.50 8.17
N CYS A 43 1.76 -10.40 7.58
CA CYS A 43 1.58 -10.81 6.20
C CYS A 43 0.81 -12.13 6.13
N LEU A 44 -0.35 -12.11 5.48
CA LEU A 44 -1.20 -13.30 5.36
C LEU A 44 -1.02 -13.94 4.00
N CYS A 45 -0.75 -15.24 3.98
CA CYS A 45 -0.43 -15.97 2.75
C CYS A 45 -1.41 -17.13 2.54
N HIS A 46 -2.29 -17.01 1.54
CA HIS A 46 -3.35 -17.99 1.29
C HIS A 46 -2.82 -19.26 0.61
N GLY A 47 -3.71 -20.24 0.46
CA GLY A 47 -3.38 -21.49 -0.22
C GLY A 47 -3.98 -21.67 -1.59
N PHE A 48 -4.08 -22.93 -2.01
CA PHE A 48 -4.57 -23.30 -3.32
C PHE A 48 -6.02 -23.81 -3.25
N PRO A 49 -6.90 -23.33 -4.15
CA PRO A 49 -6.76 -22.26 -5.11
C PRO A 49 -7.54 -21.06 -4.63
N GLU A 50 -6.87 -20.16 -3.92
CA GLU A 50 -7.58 -19.16 -3.13
C GLU A 50 -7.22 -17.74 -3.53
N SER A 51 -7.14 -16.83 -2.57
CA SER A 51 -7.12 -15.39 -2.83
C SER A 51 -6.84 -14.65 -1.53
N TRP A 52 -6.39 -13.40 -1.62
CA TRP A 52 -6.31 -12.55 -0.42
C TRP A 52 -7.65 -12.58 0.31
N TYR A 53 -8.71 -12.66 -0.48
CA TYR A 53 -10.09 -12.64 0.00
C TYR A 53 -10.44 -13.83 0.91
N SER A 54 -9.63 -14.89 0.87
CA SER A 54 -9.82 -16.00 1.81
C SER A 54 -9.58 -15.57 3.27
N TRP A 55 -8.89 -14.45 3.46
CA TRP A 55 -8.66 -13.88 4.80
C TRP A 55 -9.67 -12.81 5.19
N ARG A 56 -10.75 -12.70 4.42
CA ARG A 56 -11.74 -11.63 4.61
C ARG A 56 -12.25 -11.46 6.04
N TYR A 57 -12.38 -12.55 6.79
CA TYR A 57 -12.83 -12.47 8.20
C TYR A 57 -11.69 -12.15 9.16
N GLN A 58 -10.46 -12.43 8.77
CA GLN A 58 -9.30 -12.14 9.62
C GLN A 58 -8.83 -10.70 9.50
N ILE A 59 -8.93 -10.14 8.30
CA ILE A 59 -8.33 -8.83 8.02
C ILE A 59 -8.87 -7.74 8.98
N PRO A 60 -10.19 -7.58 9.08
CA PRO A 60 -10.69 -6.56 10.01
C PRO A 60 -10.42 -6.86 11.49
N ALA A 61 -10.49 -8.14 11.86
CA ALA A 61 -10.28 -8.55 13.24
C ALA A 61 -8.85 -8.27 13.69
N LEU A 62 -7.89 -8.61 12.84
CA LEU A 62 -6.48 -8.38 13.12
C LEU A 62 -6.15 -6.89 13.15
N ALA A 63 -6.70 -6.13 12.20
CA ALA A 63 -6.55 -4.67 12.20
C ALA A 63 -7.12 -4.06 13.48
N GLN A 64 -8.32 -4.49 13.87
CA GLN A 64 -8.97 -4.02 15.11
C GLN A 64 -8.14 -4.37 16.36
N ALA A 65 -7.45 -5.50 16.31
CA ALA A 65 -6.60 -5.95 17.42
C ALA A 65 -5.26 -5.22 17.51
N GLY A 66 -4.97 -4.33 16.57
CA GLY A 66 -3.78 -3.47 16.65
C GLY A 66 -2.67 -3.86 15.71
N TYR A 67 -3.01 -4.45 14.56
CA TYR A 67 -1.99 -4.90 13.61
C TYR A 67 -2.18 -4.29 12.22
N ARG A 68 -1.06 -4.16 11.51
CA ARG A 68 -1.08 -3.73 10.13
C ARG A 68 -1.06 -4.98 9.26
N VAL A 69 -2.20 -5.24 8.63
CA VAL A 69 -2.42 -6.49 7.90
C VAL A 69 -2.12 -6.30 6.43
N LEU A 70 -1.25 -7.15 5.90
CA LEU A 70 -0.96 -7.19 4.46
C LEU A 70 -1.42 -8.56 3.97
N ALA A 71 -2.55 -8.59 3.27
CA ALA A 71 -3.11 -9.85 2.76
C ALA A 71 -2.76 -9.99 1.28
N MET A 72 -1.94 -10.99 0.98
CA MET A 72 -1.33 -11.13 -0.35
C MET A 72 -2.26 -11.83 -1.34
N ASP A 73 -2.16 -11.44 -2.61
CA ASP A 73 -2.45 -12.37 -3.70
C ASP A 73 -1.10 -13.03 -3.96
N MET A 74 -1.00 -14.33 -3.72
CA MET A 74 0.27 -15.03 -3.91
C MET A 74 0.56 -15.10 -5.41
N LYS A 75 1.83 -15.28 -5.76
CA LYS A 75 2.22 -15.32 -7.16
C LYS A 75 1.41 -16.37 -7.90
N GLY A 76 0.86 -15.98 -9.05
CA GLY A 76 -0.03 -16.83 -9.84
C GLY A 76 -1.52 -16.55 -9.69
N TYR A 77 -1.87 -15.66 -8.74
CA TYR A 77 -3.26 -15.45 -8.34
C TYR A 77 -3.71 -13.99 -8.43
N GLY A 78 -4.99 -13.81 -8.73
CA GLY A 78 -5.65 -12.52 -8.60
C GLY A 78 -4.99 -11.42 -9.42
N GLU A 79 -4.66 -10.33 -8.76
CA GLU A 79 -3.99 -9.22 -9.42
C GLU A 79 -2.46 -9.33 -9.39
N SER A 80 -1.93 -10.40 -8.79
CA SER A 80 -0.49 -10.63 -8.84
C SER A 80 -0.13 -11.27 -10.19
N SER A 81 1.11 -11.08 -10.61
CA SER A 81 1.58 -11.66 -11.87
C SER A 81 1.49 -13.18 -11.84
N ALA A 82 1.22 -13.75 -13.01
CA ALA A 82 1.13 -15.19 -13.18
C ALA A 82 1.91 -15.63 -14.42
N PRO A 83 3.26 -15.62 -14.34
CA PRO A 83 4.04 -16.13 -15.46
C PRO A 83 3.76 -17.62 -15.71
N PRO A 84 3.92 -18.09 -16.96
CA PRO A 84 3.55 -19.47 -17.28
C PRO A 84 4.57 -20.55 -16.87
N GLU A 85 5.83 -20.15 -16.64
CA GLU A 85 6.91 -21.14 -16.42
C GLU A 85 6.79 -21.81 -15.06
N ILE A 86 6.91 -23.14 -15.06
CA ILE A 86 6.79 -23.93 -13.84
C ILE A 86 7.79 -23.50 -12.76
N GLU A 87 9.02 -23.24 -13.15
CA GLU A 87 10.12 -22.94 -12.21
C GLU A 87 9.97 -21.61 -11.45
N GLU A 88 9.14 -20.71 -11.98
CA GLU A 88 8.80 -19.47 -11.30
C GLU A 88 8.06 -19.70 -9.99
N TYR A 89 7.53 -20.91 -9.78
CA TYR A 89 6.73 -21.22 -8.61
C TYR A 89 7.38 -22.24 -7.66
N CYS A 90 8.69 -22.46 -7.77
CA CYS A 90 9.39 -23.26 -6.77
C CYS A 90 9.54 -22.45 -5.49
N MET A 91 9.63 -23.12 -4.36
CA MET A 91 9.68 -22.44 -3.07
C MET A 91 10.85 -21.46 -2.95
N GLU A 92 12.00 -21.83 -3.50
CA GLU A 92 13.19 -20.96 -3.44
C GLU A 92 12.88 -19.61 -4.08
N VAL A 93 12.28 -19.64 -5.25
CA VAL A 93 11.94 -18.42 -6.00
C VAL A 93 10.86 -17.63 -5.25
N LEU A 94 9.80 -18.33 -4.81
CA LEU A 94 8.70 -17.67 -4.12
C LEU A 94 9.16 -17.02 -2.82
N CYS A 95 10.01 -17.71 -2.07
CA CYS A 95 10.56 -17.15 -0.83
C CYS A 95 11.45 -15.92 -1.04
N LYS A 96 12.37 -15.99 -2.00
CA LYS A 96 13.21 -14.83 -2.32
C LYS A 96 12.36 -13.62 -2.72
N GLU A 97 11.27 -13.86 -3.44
CA GLU A 97 10.36 -12.79 -3.86
C GLU A 97 9.66 -12.12 -2.67
N MET A 98 9.26 -12.93 -1.68
CA MET A 98 8.66 -12.38 -0.46
C MET A 98 9.66 -11.57 0.36
N VAL A 99 10.93 -11.96 0.32
CA VAL A 99 11.99 -11.15 0.94
C VAL A 99 12.12 -9.80 0.22
N THR A 100 12.09 -9.82 -1.11
CA THR A 100 12.16 -8.60 -1.90
C THR A 100 10.96 -7.70 -1.64
N PHE A 101 9.80 -8.31 -1.47
CA PHE A 101 8.56 -7.62 -1.08
C PHE A 101 8.77 -6.78 0.18
N LEU A 102 9.26 -7.42 1.24
CA LEU A 102 9.58 -6.74 2.48
C LEU A 102 10.60 -5.61 2.26
N ASP A 103 11.63 -5.88 1.44
CA ASP A 103 12.66 -4.86 1.17
C ASP A 103 12.05 -3.61 0.56
N LYS A 104 11.21 -3.78 -0.46
CA LYS A 104 10.66 -2.65 -1.19
C LYS A 104 9.65 -1.87 -0.35
N LEU A 105 8.95 -2.56 0.55
CA LEU A 105 8.07 -1.92 1.53
C LEU A 105 8.81 -1.29 2.72
N GLY A 106 10.12 -1.54 2.83
CA GLY A 106 10.90 -1.02 3.93
C GLY A 106 10.57 -1.65 5.26
N LEU A 107 10.25 -2.94 5.25
CA LEU A 107 9.93 -3.69 6.47
C LEU A 107 11.12 -4.59 6.78
N SER A 108 11.76 -4.39 7.93
CA SER A 108 12.87 -5.25 8.35
C SER A 108 12.35 -6.64 8.72
N GLN A 109 11.13 -6.71 9.24
CA GLN A 109 10.51 -7.96 9.66
C GLN A 109 9.00 -7.89 9.46
N ALA A 110 8.37 -9.04 9.32
CA ALA A 110 6.92 -9.15 9.48
C ALA A 110 6.58 -10.46 10.14
N VAL A 111 5.40 -10.51 10.77
CA VAL A 111 4.83 -11.78 11.17
C VAL A 111 4.29 -12.40 9.89
N PHE A 112 4.51 -13.70 9.72
CA PHE A 112 4.00 -14.42 8.57
C PHE A 112 3.00 -15.48 9.01
N ILE A 113 1.78 -15.37 8.50
CA ILE A 113 0.73 -16.33 8.79
C ILE A 113 0.26 -16.92 7.47
N GLY A 114 0.36 -18.25 7.34
CA GLY A 114 -0.04 -18.92 6.12
C GLY A 114 -1.01 -20.06 6.33
N HIS A 115 -1.71 -20.39 5.25
CA HIS A 115 -2.62 -21.52 5.20
C HIS A 115 -2.33 -22.36 3.96
N ASP A 116 -2.33 -23.67 4.12
CA ASP A 116 -2.20 -24.59 2.97
C ASP A 116 -0.83 -24.35 2.29
N TRP A 117 -0.78 -24.11 0.98
CA TRP A 117 0.51 -23.82 0.34
C TRP A 117 1.16 -22.56 0.91
N GLY A 118 0.33 -21.59 1.33
CA GLY A 118 0.82 -20.41 2.05
C GLY A 118 1.52 -20.77 3.35
N GLY A 119 0.98 -21.79 4.02
CA GLY A 119 1.59 -22.35 5.21
C GLY A 119 2.95 -22.95 4.94
N MET A 120 3.08 -23.67 3.83
CA MET A 120 4.37 -24.23 3.44
C MET A 120 5.36 -23.09 3.23
N LEU A 121 4.92 -22.05 2.53
CA LEU A 121 5.80 -20.91 2.25
C LEU A 121 6.30 -20.24 3.52
N VAL A 122 5.42 -20.01 4.48
CA VAL A 122 5.83 -19.28 5.67
C VAL A 122 6.78 -20.10 6.54
N TRP A 123 6.63 -21.42 6.54
CA TRP A 123 7.61 -22.26 7.22
C TRP A 123 9.00 -22.11 6.60
N TYR A 124 9.08 -22.11 5.27
CA TYR A 124 10.36 -21.92 4.58
C TYR A 124 10.93 -20.52 4.74
N MET A 125 10.07 -19.52 4.89
CA MET A 125 10.51 -18.18 5.25
C MET A 125 11.16 -18.18 6.63
N ALA A 126 10.50 -18.82 7.58
CA ALA A 126 11.02 -18.90 8.94
C ALA A 126 12.32 -19.71 8.97
N LEU A 127 12.40 -20.73 8.13
CA LEU A 127 13.56 -21.62 8.08
C LEU A 127 14.79 -20.92 7.51
N PHE A 128 14.63 -20.31 6.33
CA PHE A 128 15.76 -19.76 5.57
C PHE A 128 15.96 -18.25 5.74
N TYR A 129 14.92 -17.53 6.16
CA TYR A 129 15.04 -16.08 6.38
C TYR A 129 14.47 -15.66 7.73
N PRO A 130 14.92 -16.30 8.83
CA PRO A 130 14.38 -16.01 10.15
C PRO A 130 14.55 -14.55 10.58
N GLU A 131 15.62 -13.91 10.10
CA GLU A 131 15.87 -12.50 10.41
C GLU A 131 14.76 -11.56 9.89
N ARG A 132 14.01 -11.99 8.88
CA ARG A 132 12.91 -11.21 8.30
C ARG A 132 11.53 -11.64 8.82
N VAL A 133 11.50 -12.71 9.61
CA VAL A 133 10.26 -13.27 10.13
C VAL A 133 10.19 -13.04 11.64
N ARG A 134 9.34 -12.11 12.05
CA ARG A 134 9.21 -11.79 13.47
C ARG A 134 8.66 -12.98 14.24
N ALA A 135 7.66 -13.62 13.64
CA ALA A 135 7.02 -14.80 14.19
C ALA A 135 6.27 -15.47 13.05
N VAL A 136 6.00 -16.76 13.18
CA VAL A 136 5.40 -17.54 12.09
C VAL A 136 4.23 -18.38 12.61
N ALA A 137 3.14 -18.39 11.85
CA ALA A 137 1.98 -19.20 12.19
C ALA A 137 1.50 -19.90 10.94
N SER A 138 1.08 -21.15 11.10
CA SER A 138 0.53 -21.93 10.00
C SER A 138 -0.83 -22.53 10.37
N LEU A 139 -1.78 -22.40 9.45
CA LEU A 139 -3.06 -23.09 9.54
C LEU A 139 -2.98 -24.36 8.72
N ASN A 140 -3.13 -25.50 9.39
CA ASN A 140 -3.23 -26.84 8.75
C ASN A 140 -1.89 -27.45 8.30
N THR A 141 -1.05 -26.65 7.65
CA THR A 141 0.16 -27.17 7.03
C THR A 141 1.26 -27.37 8.06
N PRO A 142 1.75 -28.60 8.19
CA PRO A 142 2.83 -28.85 9.14
C PRO A 142 4.17 -28.46 8.54
N PHE A 143 5.20 -28.40 9.38
CA PHE A 143 6.57 -28.32 8.92
C PHE A 143 7.22 -29.66 9.25
N ILE A 144 7.59 -30.40 8.22
CA ILE A 144 8.35 -31.64 8.37
C ILE A 144 9.70 -31.42 7.67
N PRO A 145 10.81 -31.54 8.41
CA PRO A 145 12.13 -31.47 7.79
C PRO A 145 12.27 -32.43 6.59
N ALA A 146 12.91 -31.97 5.53
CA ALA A 146 13.11 -32.79 4.34
C ALA A 146 13.86 -34.07 4.68
N ASN A 147 13.49 -35.16 4.01
CA ASN A 147 14.18 -36.45 4.15
C ASN A 147 15.13 -36.65 2.96
N PRO A 148 16.45 -36.48 3.18
CA PRO A 148 17.43 -36.64 2.09
C PRO A 148 17.34 -37.99 1.35
N ASN A 149 16.83 -39.01 2.03
CA ASN A 149 16.82 -40.35 1.47
C ASN A 149 15.66 -40.66 0.53
N MET A 150 14.45 -40.20 0.85
CA MET A 150 13.30 -40.48 -0.02
C MET A 150 12.81 -39.26 -0.78
N SER A 151 12.60 -39.44 -2.08
CA SER A 151 12.13 -38.39 -2.96
C SER A 151 10.67 -38.04 -2.62
N PRO A 152 10.17 -36.90 -3.13
CA PRO A 152 8.75 -36.60 -2.99
C PRO A 152 7.84 -37.62 -3.68
N LEU A 153 8.30 -38.17 -4.80
CA LEU A 153 7.53 -39.14 -5.57
C LEU A 153 7.34 -40.46 -4.78
N GLU A 154 8.38 -40.85 -4.03
CA GLU A 154 8.32 -42.03 -3.17
C GLU A 154 7.41 -41.81 -1.95
N SER A 155 7.35 -40.57 -1.46
CA SER A 155 6.47 -40.21 -0.35
C SER A 155 4.99 -40.30 -0.73
N ILE A 156 4.67 -39.91 -1.95
CA ILE A 156 3.29 -39.97 -2.44
C ILE A 156 2.81 -41.41 -2.60
N LYS A 157 3.72 -42.33 -2.95
CA LYS A 157 3.40 -43.77 -2.95
C LYS A 157 3.13 -44.28 -1.53
N ALA A 158 3.93 -43.81 -0.57
CA ALA A 158 3.77 -44.20 0.82
C ALA A 158 2.52 -43.60 1.50
N ASN A 159 1.83 -42.68 0.82
CA ASN A 159 0.60 -42.10 1.35
C ASN A 159 -0.39 -41.75 0.23
N PRO A 160 -1.36 -42.67 -0.05
CA PRO A 160 -2.28 -42.51 -1.18
C PRO A 160 -3.28 -41.36 -1.09
N VAL A 161 -3.41 -40.72 0.07
CA VAL A 161 -4.28 -39.53 0.20
C VAL A 161 -3.76 -38.37 -0.67
N PHE A 162 -2.45 -38.36 -0.94
CA PHE A 162 -1.84 -37.37 -1.84
C PHE A 162 -1.81 -37.78 -3.32
N ASP A 163 -2.67 -38.72 -3.71
CA ASP A 163 -2.74 -39.19 -5.11
C ASP A 163 -3.08 -38.09 -6.11
N TYR A 164 -4.06 -37.25 -5.77
CA TYR A 164 -4.46 -36.09 -6.58
C TYR A 164 -3.26 -35.24 -7.05
N GLN A 165 -2.19 -35.21 -6.27
CA GLN A 165 -1.02 -34.43 -6.63
C GLN A 165 -0.39 -34.92 -7.93
N LEU A 166 -0.52 -36.22 -8.19
CA LEU A 166 -0.05 -36.80 -9.46
C LEU A 166 -0.87 -36.27 -10.63
N TYR A 167 -2.18 -36.14 -10.43
CA TYR A 167 -3.08 -35.62 -11.45
C TYR A 167 -2.74 -34.18 -11.82
N PHE A 168 -2.25 -33.41 -10.85
CA PHE A 168 -1.85 -32.02 -11.09
C PHE A 168 -0.52 -31.85 -11.82
N GLN A 169 0.21 -32.94 -12.06
CA GLN A 169 1.56 -32.83 -12.61
C GLN A 169 1.62 -32.41 -14.09
N GLU A 170 0.84 -33.08 -14.93
CA GLU A 170 0.90 -32.82 -16.38
C GLU A 170 0.29 -31.45 -16.73
N PRO A 171 1.10 -30.53 -17.30
CA PRO A 171 0.54 -29.20 -17.60
C PRO A 171 -0.64 -29.23 -18.56
N GLY A 172 -1.71 -28.51 -18.20
CA GLY A 172 -2.90 -28.40 -19.03
C GLY A 172 -4.06 -29.33 -18.67
N VAL A 173 -3.75 -30.48 -18.09
CA VAL A 173 -4.79 -31.48 -17.78
C VAL A 173 -5.72 -30.96 -16.68
N ALA A 174 -5.16 -30.73 -15.50
CA ALA A 174 -5.95 -30.20 -14.38
C ALA A 174 -6.51 -28.81 -14.68
N GLU A 175 -5.75 -27.99 -15.39
CA GLU A 175 -6.22 -26.66 -15.84
C GLU A 175 -7.53 -26.74 -16.59
N ALA A 176 -7.60 -27.67 -17.55
CA ALA A 176 -8.78 -27.84 -18.37
C ALA A 176 -10.02 -28.14 -17.53
N GLU A 177 -9.90 -29.05 -16.58
CA GLU A 177 -11.02 -29.42 -15.71
C GLU A 177 -11.43 -28.28 -14.78
N LEU A 178 -10.45 -27.66 -14.13
CA LEU A 178 -10.73 -26.60 -13.16
C LEU A 178 -11.27 -25.32 -13.83
N GLU A 179 -10.84 -25.04 -15.06
CA GLU A 179 -11.27 -23.84 -15.78
C GLU A 179 -12.58 -23.99 -16.53
N GLN A 180 -13.03 -25.23 -16.74
CA GLN A 180 -14.19 -25.48 -17.61
C GLN A 180 -15.44 -24.76 -17.10
N ASN A 181 -15.69 -24.83 -15.79
CA ASN A 181 -16.84 -24.15 -15.19
C ASN A 181 -16.44 -23.64 -13.80
N LEU A 182 -16.03 -22.37 -13.74
CA LEU A 182 -15.42 -21.82 -12.53
C LEU A 182 -16.35 -21.83 -11.33
N SER A 183 -17.62 -21.55 -11.56
CA SER A 183 -18.59 -21.54 -10.47
C SER A 183 -18.74 -22.95 -9.88
N ARG A 184 -18.84 -23.95 -10.74
CA ARG A 184 -18.88 -25.35 -10.33
C ARG A 184 -17.62 -25.74 -9.55
N THR A 185 -16.45 -25.31 -10.05
CA THR A 185 -15.17 -25.59 -9.39
C THR A 185 -15.18 -25.12 -7.94
N PHE A 186 -15.55 -23.86 -7.72
CA PHE A 186 -15.46 -23.28 -6.38
C PHE A 186 -16.57 -23.73 -5.44
N LYS A 187 -17.78 -23.92 -5.97
CA LYS A 187 -18.86 -24.49 -5.17
C LYS A 187 -18.56 -25.94 -4.75
N SER A 188 -17.93 -26.70 -5.65
CA SER A 188 -17.54 -28.08 -5.35
C SER A 188 -16.42 -28.15 -4.30
N LEU A 189 -15.48 -27.20 -4.36
CA LEU A 189 -14.33 -27.21 -3.45
C LEU A 189 -14.64 -26.60 -2.08
N PHE A 190 -15.25 -25.42 -2.08
CA PHE A 190 -15.39 -24.64 -0.84
C PHE A 190 -16.62 -25.13 -0.08
N ARG A 191 -16.43 -26.21 0.69
CA ARG A 191 -17.51 -26.82 1.44
C ARG A 191 -17.01 -27.28 2.81
N ALA A 192 -17.91 -27.35 3.78
CA ALA A 192 -17.59 -27.95 5.07
C ALA A 192 -17.36 -29.45 4.84
N SER A 193 -16.61 -30.08 5.75
CA SER A 193 -16.21 -31.48 5.56
C SER A 193 -17.38 -32.45 5.42
N ASP A 194 -18.44 -32.23 6.19
CA ASP A 194 -19.66 -33.05 6.09
C ASP A 194 -20.48 -32.78 4.82
N GLU A 195 -20.18 -31.70 4.10
CA GLU A 195 -20.85 -31.40 2.82
C GLU A 195 -20.02 -31.82 1.61
N SER A 196 -18.96 -32.61 1.83
CA SER A 196 -18.03 -32.93 0.74
C SER A 196 -18.72 -33.67 -0.40
N VAL A 197 -18.37 -33.28 -1.63
CA VAL A 197 -18.87 -33.98 -2.83
C VAL A 197 -17.74 -34.57 -3.66
N LEU A 198 -16.52 -34.59 -3.11
CA LEU A 198 -15.33 -35.03 -3.83
C LEU A 198 -14.55 -36.10 -3.07
N SER A 199 -14.12 -37.12 -3.79
CA SER A 199 -13.10 -38.04 -3.31
C SER A 199 -11.76 -37.54 -3.80
N MET A 200 -10.75 -37.59 -2.93
CA MET A 200 -9.38 -37.33 -3.33
C MET A 200 -8.53 -38.58 -3.12
N HIS A 201 -9.21 -39.74 -3.17
CA HIS A 201 -8.58 -41.04 -2.96
C HIS A 201 -7.85 -41.50 -4.22
N LYS A 202 -8.59 -41.64 -5.32
CA LYS A 202 -8.02 -42.10 -6.59
C LYS A 202 -8.51 -41.20 -7.74
N VAL A 203 -7.93 -40.01 -7.81
CA VAL A 203 -8.30 -39.01 -8.80
C VAL A 203 -7.88 -39.42 -10.21
N CYS A 204 -6.69 -40.01 -10.33
CA CYS A 204 -6.09 -40.30 -11.64
C CYS A 204 -6.85 -41.36 -12.42
N GLU A 205 -7.20 -42.47 -11.78
CA GLU A 205 -7.96 -43.54 -12.45
C GLU A 205 -9.36 -43.08 -12.83
N ALA A 206 -10.01 -42.33 -11.94
CA ALA A 206 -11.31 -41.73 -12.23
C ALA A 206 -11.23 -40.79 -13.44
N GLY A 207 -10.13 -40.05 -13.54
CA GLY A 207 -9.91 -39.15 -14.66
C GLY A 207 -9.74 -37.70 -14.22
N GLY A 208 -10.40 -37.32 -13.14
CA GLY A 208 -10.33 -35.95 -12.62
C GLY A 208 -10.99 -35.77 -11.27
N LEU A 209 -10.95 -34.53 -10.76
CA LEU A 209 -11.55 -34.19 -9.47
C LEU A 209 -13.07 -34.28 -9.45
N PHE A 210 -13.71 -33.87 -10.54
CA PHE A 210 -15.16 -33.69 -10.57
C PHE A 210 -15.85 -34.66 -11.52
N VAL A 211 -15.24 -35.83 -11.75
CA VAL A 211 -15.76 -36.80 -12.74
C VAL A 211 -17.15 -37.34 -12.37
N ASN A 212 -17.37 -37.57 -11.08
CA ASN A 212 -18.70 -38.00 -10.62
C ASN A 212 -19.15 -37.27 -9.35
N SER A 213 -18.92 -35.96 -9.35
CA SER A 213 -19.52 -35.04 -8.38
C SER A 213 -20.61 -34.26 -9.11
N PRO A 214 -21.58 -33.68 -8.37
CA PRO A 214 -22.75 -33.06 -9.03
C PRO A 214 -22.39 -32.05 -10.12
N GLU A 215 -23.16 -32.04 -11.22
CA GLU A 215 -22.96 -31.05 -12.29
C GLU A 215 -23.34 -29.64 -11.84
N GLU A 216 -24.33 -29.55 -10.95
CA GLU A 216 -24.76 -28.27 -10.39
C GLU A 216 -24.79 -28.38 -8.87
N PRO A 217 -23.63 -28.24 -8.22
CA PRO A 217 -23.59 -28.44 -6.79
C PRO A 217 -24.34 -27.35 -6.03
N SER A 218 -24.89 -27.70 -4.87
CA SER A 218 -25.55 -26.73 -4.02
C SER A 218 -24.51 -25.81 -3.40
N LEU A 219 -24.99 -24.76 -2.74
CA LEU A 219 -24.12 -23.81 -2.08
C LEU A 219 -23.84 -24.27 -0.65
N SER A 220 -22.57 -24.37 -0.29
CA SER A 220 -22.20 -24.72 1.07
C SER A 220 -22.74 -23.70 2.08
N ARG A 221 -23.03 -24.17 3.28
CA ARG A 221 -23.38 -23.29 4.40
C ARG A 221 -22.28 -22.27 4.71
N MET A 222 -21.04 -22.56 4.27
CA MET A 222 -19.89 -21.70 4.53
C MET A 222 -19.85 -20.42 3.73
N VAL A 223 -20.45 -20.42 2.53
CA VAL A 223 -20.24 -19.34 1.57
C VAL A 223 -21.54 -18.83 0.96
N THR A 224 -21.49 -17.60 0.44
CA THR A 224 -22.63 -17.03 -0.28
C THR A 224 -22.35 -17.10 -1.77
N GLU A 225 -23.39 -16.90 -2.57
CA GLU A 225 -23.24 -16.85 -4.02
C GLU A 225 -22.29 -15.71 -4.40
N GLU A 226 -22.38 -14.60 -3.66
CA GLU A 226 -21.59 -13.42 -3.96
C GLU A 226 -20.10 -13.71 -3.70
N GLU A 227 -19.81 -14.40 -2.60
CA GLU A 227 -18.43 -14.79 -2.30
C GLU A 227 -17.87 -15.73 -3.38
N ILE A 228 -18.66 -16.73 -3.78
CA ILE A 228 -18.25 -17.63 -4.86
C ILE A 228 -17.92 -16.83 -6.14
N GLN A 229 -18.79 -15.92 -6.53
CA GLN A 229 -18.58 -15.14 -7.75
C GLN A 229 -17.32 -14.27 -7.72
N PHE A 230 -16.87 -13.88 -6.52
CA PHE A 230 -15.62 -13.15 -6.41
C PHE A 230 -14.45 -14.02 -6.87
N TYR A 231 -14.37 -15.25 -6.38
CA TYR A 231 -13.31 -16.15 -6.79
C TYR A 231 -13.41 -16.43 -8.28
N VAL A 232 -14.63 -16.59 -8.78
CA VAL A 232 -14.84 -16.82 -10.21
C VAL A 232 -14.21 -15.67 -11.01
N GLN A 233 -14.51 -14.44 -10.61
CA GLN A 233 -14.01 -13.27 -11.33
C GLN A 233 -12.48 -13.16 -11.24
N GLN A 234 -11.91 -13.50 -10.07
CA GLN A 234 -10.47 -13.47 -9.90
C GLN A 234 -9.75 -14.47 -10.80
N PHE A 235 -10.29 -15.67 -10.91
CA PHE A 235 -9.64 -16.73 -11.67
C PHE A 235 -9.85 -16.63 -13.19
N LYS A 236 -10.70 -15.70 -13.64
CA LYS A 236 -10.81 -15.38 -15.07
C LYS A 236 -9.58 -14.61 -15.59
N LYS A 237 -8.84 -13.98 -14.68
CA LYS A 237 -7.70 -13.15 -15.07
C LYS A 237 -6.55 -14.00 -15.61
N SER A 238 -6.14 -15.01 -14.84
CA SER A 238 -5.01 -15.88 -15.21
C SER A 238 -5.30 -17.38 -15.20
N GLY A 239 -6.45 -17.80 -14.70
CA GLY A 239 -6.78 -19.22 -14.70
C GLY A 239 -5.94 -20.00 -13.71
N PHE A 240 -5.81 -21.31 -13.94
CA PHE A 240 -5.22 -22.21 -12.95
C PHE A 240 -3.77 -22.65 -13.20
N ARG A 241 -3.17 -22.21 -14.31
CA ARG A 241 -1.82 -22.67 -14.62
C ARG A 241 -0.79 -22.26 -13.55
N GLY A 242 -0.76 -20.97 -13.22
CA GLY A 242 0.15 -20.48 -12.19
C GLY A 242 -0.06 -21.19 -10.86
N PRO A 243 -1.30 -21.21 -10.37
CA PRO A 243 -1.63 -21.90 -9.13
C PRO A 243 -1.18 -23.37 -9.12
N LEU A 244 -1.49 -24.11 -10.18
CA LEU A 244 -1.09 -25.53 -10.25
C LEU A 244 0.41 -25.71 -10.34
N ASN A 245 1.12 -24.73 -10.89
CA ASN A 245 2.57 -24.78 -10.95
C ASN A 245 3.24 -24.86 -9.58
N TRP A 246 2.53 -24.42 -8.54
CA TRP A 246 2.99 -24.60 -7.16
C TRP A 246 3.28 -26.09 -6.84
N TYR A 247 2.48 -26.99 -7.43
CA TYR A 247 2.63 -28.44 -7.26
C TYR A 247 3.70 -29.13 -8.14
N ARG A 248 4.29 -28.39 -9.07
CA ARG A 248 5.09 -28.98 -10.14
C ARG A 248 6.59 -28.76 -9.96
N ASN A 249 7.00 -28.51 -8.71
CA ASN A 249 8.40 -28.27 -8.37
C ASN A 249 8.83 -29.18 -7.22
N MET A 250 8.30 -30.39 -7.21
CA MET A 250 8.55 -31.30 -6.10
C MET A 250 10.04 -31.58 -5.91
N GLU A 251 10.75 -31.94 -6.99
CA GLU A 251 12.19 -32.26 -6.88
C GLU A 251 13.01 -31.04 -6.47
N ARG A 252 12.76 -29.90 -7.11
CA ARG A 252 13.46 -28.65 -6.77
C ARG A 252 13.25 -28.27 -5.30
N ASN A 253 12.01 -28.34 -4.82
CA ASN A 253 11.70 -27.95 -3.45
C ASN A 253 12.39 -28.85 -2.44
N TRP A 254 12.40 -30.14 -2.76
CA TRP A 254 13.09 -31.16 -1.97
C TRP A 254 14.59 -30.87 -1.86
N LYS A 255 15.25 -30.63 -2.99
CA LYS A 255 16.69 -30.31 -3.00
C LYS A 255 17.01 -29.03 -2.23
N TRP A 256 16.17 -28.02 -2.39
CA TRP A 256 16.35 -26.77 -1.66
C TRP A 256 16.19 -26.99 -0.16
N ALA A 257 15.11 -27.67 0.23
CA ALA A 257 14.85 -27.97 1.64
C ALA A 257 15.95 -28.78 2.31
N CYS A 258 16.60 -29.64 1.53
CA CYS A 258 17.72 -30.42 2.04
C CYS A 258 18.94 -29.56 2.37
N LYS A 259 19.08 -28.41 1.70
CA LYS A 259 20.15 -27.45 2.02
C LYS A 259 20.01 -26.81 3.41
N SER A 260 18.86 -27.03 4.04
CA SER A 260 18.65 -26.59 5.41
C SER A 260 19.61 -27.29 6.36
N LEU A 261 20.01 -28.52 5.98
CA LEU A 261 20.76 -29.41 6.86
C LEU A 261 19.82 -29.76 8.00
N GLY A 262 20.23 -29.58 9.25
CA GLY A 262 19.32 -29.80 10.37
C GLY A 262 19.17 -28.57 11.23
N ARG A 263 19.05 -27.39 10.60
CA ARG A 263 18.88 -26.17 11.37
C ARG A 263 17.45 -26.11 11.87
N LYS A 264 17.28 -25.56 13.07
CA LYS A 264 15.97 -25.44 13.68
C LYS A 264 15.37 -24.08 13.38
N ILE A 265 14.07 -23.97 13.63
CA ILE A 265 13.37 -22.70 13.60
C ILE A 265 13.32 -22.21 15.04
N LEU A 266 14.03 -21.13 15.34
CA LEU A 266 14.16 -20.62 16.70
C LEU A 266 13.26 -19.42 17.01
N ILE A 267 12.50 -18.96 16.02
CA ILE A 267 11.60 -17.81 16.23
C ILE A 267 10.27 -18.29 16.83
N PRO A 268 9.46 -17.35 17.37
CA PRO A 268 8.14 -17.77 17.86
C PRO A 268 7.29 -18.35 16.74
N ALA A 269 6.61 -19.45 17.04
CA ALA A 269 5.88 -20.22 16.05
C ALA A 269 4.56 -20.75 16.61
N LEU A 270 3.57 -20.83 15.74
CA LEU A 270 2.23 -21.30 16.07
C LEU A 270 1.78 -22.31 15.02
N MET A 271 1.33 -23.49 15.46
CA MET A 271 0.77 -24.50 14.57
C MET A 271 -0.69 -24.70 14.93
N VAL A 272 -1.59 -24.44 13.97
CA VAL A 272 -3.02 -24.57 14.20
C VAL A 272 -3.54 -25.72 13.35
N THR A 273 -4.09 -26.73 14.03
CA THR A 273 -4.62 -27.91 13.34
C THR A 273 -6.13 -27.84 13.23
N ALA A 274 -6.65 -28.52 12.21
CA ALA A 274 -8.07 -28.55 11.91
C ALA A 274 -8.56 -29.99 11.95
N GLU A 275 -9.50 -30.27 12.85
CA GLU A 275 -9.95 -31.64 13.14
C GLU A 275 -10.36 -32.40 11.89
N LYS A 276 -11.13 -31.76 11.00
CA LYS A 276 -11.74 -32.44 9.85
C LYS A 276 -11.08 -32.11 8.49
N ASP A 277 -9.83 -31.62 8.51
CA ASP A 277 -9.05 -31.56 7.28
C ASP A 277 -8.49 -32.95 7.05
N PHE A 278 -8.99 -33.63 6.01
CA PHE A 278 -8.67 -35.04 5.80
C PHE A 278 -7.43 -35.27 4.95
N VAL A 279 -6.80 -34.17 4.52
CA VAL A 279 -5.55 -34.25 3.77
C VAL A 279 -4.42 -33.79 4.68
N LEU A 280 -4.50 -32.56 5.16
CA LEU A 280 -3.55 -32.03 6.13
C LEU A 280 -4.06 -32.34 7.54
N VAL A 281 -4.02 -33.63 7.90
CA VAL A 281 -4.59 -34.09 9.17
C VAL A 281 -3.76 -33.61 10.37
N PRO A 282 -4.41 -33.41 11.53
CA PRO A 282 -3.68 -32.90 12.70
C PRO A 282 -2.43 -33.71 13.10
N GLN A 283 -2.50 -35.05 12.98
CA GLN A 283 -1.38 -35.92 13.35
C GLN A 283 -0.09 -35.69 12.53
N MET A 284 -0.21 -35.13 11.32
CA MET A 284 0.97 -34.78 10.53
C MET A 284 1.89 -33.76 11.22
N SER A 285 1.34 -33.00 12.17
CA SER A 285 2.11 -32.00 12.91
C SER A 285 2.76 -32.53 14.20
N GLN A 286 2.55 -33.81 14.53
CA GLN A 286 2.77 -34.29 15.91
C GLN A 286 4.17 -34.19 16.52
N HIS A 287 5.22 -34.16 15.70
CA HIS A 287 6.57 -34.08 16.28
C HIS A 287 7.31 -32.78 15.96
N MET A 288 6.54 -31.72 15.69
CA MET A 288 7.13 -30.45 15.27
C MET A 288 7.96 -29.72 16.33
N GLU A 289 7.68 -29.96 17.61
CA GLU A 289 8.43 -29.29 18.68
C GLU A 289 9.90 -29.76 18.80
N ASP A 290 10.24 -30.85 18.11
CA ASP A 290 11.64 -31.33 18.07
C ASP A 290 12.57 -30.39 17.29
N TRP A 291 12.04 -29.75 16.24
CA TRP A 291 12.85 -28.84 15.40
C TRP A 291 12.38 -27.39 15.48
N ILE A 292 11.37 -27.13 16.32
CA ILE A 292 10.84 -25.79 16.56
C ILE A 292 10.65 -25.63 18.08
N PRO A 293 11.72 -25.28 18.82
CA PRO A 293 11.67 -25.23 20.28
C PRO A 293 10.60 -24.31 20.88
N HIS A 294 10.32 -23.18 20.24
CA HIS A 294 9.34 -22.22 20.79
C HIS A 294 7.97 -22.33 20.10
N LEU A 295 7.53 -23.55 19.82
CA LEU A 295 6.27 -23.78 19.12
C LEU A 295 5.10 -23.78 20.09
N LYS A 296 4.07 -23.00 19.76
CA LYS A 296 2.79 -23.04 20.45
C LYS A 296 1.77 -23.64 19.51
N ARG A 297 0.64 -24.06 20.07
CA ARG A 297 -0.37 -24.75 19.27
C ARG A 297 -1.77 -24.23 19.49
N GLY A 298 -2.57 -24.40 18.44
CA GLY A 298 -4.02 -24.27 18.50
C GLY A 298 -4.63 -25.47 17.78
N HIS A 299 -5.87 -25.77 18.11
CA HIS A 299 -6.62 -26.84 17.45
C HIS A 299 -8.08 -26.41 17.37
N ILE A 300 -8.69 -26.62 16.21
CA ILE A 300 -10.08 -26.22 15.98
C ILE A 300 -10.93 -27.44 15.63
N GLU A 301 -11.91 -27.72 16.46
CA GLU A 301 -12.81 -28.83 16.26
C GLU A 301 -13.84 -28.49 15.20
N ASP A 302 -14.38 -29.51 14.54
CA ASP A 302 -15.46 -29.36 13.57
C ASP A 302 -15.06 -28.45 12.40
N CYS A 303 -13.76 -28.41 12.11
CA CYS A 303 -13.22 -27.51 11.11
C CYS A 303 -12.54 -28.31 10.00
N GLY A 304 -12.98 -28.08 8.77
CA GLY A 304 -12.41 -28.75 7.61
C GLY A 304 -11.21 -28.01 7.06
N HIS A 305 -10.92 -28.23 5.79
CA HIS A 305 -9.72 -27.65 5.19
C HIS A 305 -9.73 -26.12 5.09
N TRP A 306 -10.91 -25.55 4.86
CA TRP A 306 -11.02 -24.11 4.52
C TRP A 306 -11.18 -23.31 5.79
N THR A 307 -10.12 -23.36 6.61
CA THR A 307 -10.16 -23.03 8.02
C THR A 307 -10.68 -21.61 8.31
N GLN A 308 -10.22 -20.63 7.55
CA GLN A 308 -10.58 -19.23 7.79
C GLN A 308 -12.06 -18.96 7.55
N MET A 309 -12.63 -19.70 6.59
CA MET A 309 -14.03 -19.64 6.19
C MET A 309 -14.94 -20.46 7.09
N ASP A 310 -14.42 -21.60 7.53
CA ASP A 310 -15.20 -22.60 8.26
C ASP A 310 -15.40 -22.14 9.70
N LYS A 311 -14.31 -21.73 10.34
CA LYS A 311 -14.33 -21.32 11.75
C LYS A 311 -13.61 -19.99 11.97
N PRO A 312 -14.09 -18.90 11.34
CA PRO A 312 -13.44 -17.59 11.43
C PRO A 312 -13.29 -17.07 12.85
N THR A 313 -14.32 -17.25 13.68
CA THR A 313 -14.28 -16.78 15.07
C THR A 313 -13.13 -17.45 15.83
N GLU A 314 -12.99 -18.76 15.65
CA GLU A 314 -11.99 -19.53 16.37
C GLU A 314 -10.59 -19.16 15.88
N VAL A 315 -10.43 -19.03 14.56
CA VAL A 315 -9.17 -18.61 13.97
C VAL A 315 -8.75 -17.25 14.51
N ASN A 316 -9.69 -16.30 14.53
CA ASN A 316 -9.41 -14.95 15.00
C ASN A 316 -8.93 -14.95 16.45
N GLN A 317 -9.65 -15.66 17.32
CA GLN A 317 -9.28 -15.77 18.75
C GLN A 317 -7.87 -16.32 18.92
N ILE A 318 -7.59 -17.41 18.23
CA ILE A 318 -6.31 -18.09 18.35
C ILE A 318 -5.17 -17.21 17.86
N LEU A 319 -5.34 -16.64 16.67
CA LEU A 319 -4.31 -15.76 16.10
C LEU A 319 -4.05 -14.53 16.96
N ILE A 320 -5.11 -13.86 17.40
CA ILE A 320 -4.95 -12.65 18.20
C ILE A 320 -4.32 -12.94 19.57
N LYS A 321 -4.78 -13.97 20.26
CA LYS A 321 -4.14 -14.39 21.50
C LYS A 321 -2.63 -14.59 21.31
N TRP A 322 -2.27 -15.32 20.26
CA TRP A 322 -0.87 -15.65 19.98
C TRP A 322 -0.06 -14.40 19.62
N LEU A 323 -0.60 -13.56 18.74
CA LEU A 323 0.07 -12.33 18.33
C LEU A 323 0.36 -11.43 19.52
N ASP A 324 -0.63 -11.25 20.39
CA ASP A 324 -0.49 -10.38 21.55
C ASP A 324 0.52 -10.89 22.61
N SER A 325 0.69 -12.21 22.70
CA SER A 325 1.56 -12.80 23.72
C SER A 325 3.03 -12.89 23.27
N ASP A 326 3.28 -13.02 21.97
CA ASP A 326 4.67 -13.09 21.48
C ASP A 326 4.78 -12.87 19.97
N THR B 11 20.43 9.83 -0.60
CA THR B 11 19.53 8.70 -0.96
C THR B 11 18.18 9.21 -1.43
N SER B 12 17.70 8.64 -2.53
CA SER B 12 16.48 9.08 -3.18
C SER B 12 15.55 7.87 -3.39
N CYS B 13 14.51 8.05 -4.21
CA CYS B 13 13.59 6.97 -4.55
C CYS B 13 13.62 6.70 -6.04
N ASN B 14 13.66 5.41 -6.39
CA ASN B 14 13.39 4.95 -7.76
C ASN B 14 11.95 4.45 -7.81
N PRO B 15 11.08 5.12 -8.60
CA PRO B 15 9.64 4.81 -8.66
C PRO B 15 9.31 3.31 -8.78
N SER B 16 10.01 2.60 -9.66
CA SER B 16 9.74 1.18 -9.87
C SER B 16 10.13 0.29 -8.68
N ASP B 17 10.92 0.81 -7.74
CA ASP B 17 11.26 0.11 -6.50
C ASP B 17 10.39 0.48 -5.30
N MET B 18 9.35 1.29 -5.50
CA MET B 18 8.44 1.67 -4.42
C MET B 18 7.21 0.77 -4.39
N SER B 19 6.60 0.66 -3.21
CA SER B 19 5.26 0.08 -3.10
C SER B 19 4.24 1.16 -3.45
N HIS B 20 3.38 0.86 -4.41
CA HIS B 20 2.36 1.79 -4.88
C HIS B 20 1.00 1.35 -4.38
N GLY B 21 0.33 2.25 -3.68
CA GLY B 21 -0.97 1.99 -3.08
C GLY B 21 -2.03 2.82 -3.73
N TYR B 22 -3.26 2.30 -3.75
CA TYR B 22 -4.39 2.94 -4.41
C TYR B 22 -5.62 2.75 -3.56
N VAL B 23 -6.28 3.87 -3.23
CA VAL B 23 -7.49 3.87 -2.43
C VAL B 23 -8.57 4.61 -3.21
N THR B 24 -9.71 3.95 -3.43
CA THR B 24 -10.89 4.59 -4.01
C THR B 24 -11.64 5.29 -2.89
N VAL B 25 -11.67 6.61 -2.92
CA VAL B 25 -12.34 7.39 -1.86
C VAL B 25 -13.78 7.73 -2.23
N LYS B 26 -14.10 7.68 -3.53
CA LYS B 26 -15.48 7.76 -4.01
C LYS B 26 -15.50 7.25 -5.46
N PRO B 27 -16.70 7.01 -6.03
CA PRO B 27 -16.77 6.36 -7.34
C PRO B 27 -15.81 6.88 -8.42
N ARG B 28 -15.75 8.19 -8.63
CA ARG B 28 -14.89 8.73 -9.68
C ARG B 28 -13.45 8.99 -9.23
N VAL B 29 -13.14 8.79 -7.95
CA VAL B 29 -11.88 9.31 -7.41
C VAL B 29 -11.08 8.29 -6.62
N ARG B 30 -9.89 7.96 -7.11
CA ARG B 30 -8.94 7.18 -6.32
C ARG B 30 -7.64 7.94 -6.13
N LEU B 31 -7.07 7.77 -4.93
CA LEU B 31 -5.82 8.40 -4.59
C LEU B 31 -4.69 7.38 -4.61
N HIS B 32 -3.59 7.78 -5.23
CA HIS B 32 -2.39 6.98 -5.29
C HIS B 32 -1.38 7.49 -4.27
N PHE B 33 -0.63 6.57 -3.68
CA PHE B 33 0.45 6.92 -2.76
C PHE B 33 1.58 5.92 -2.86
N VAL B 34 2.77 6.32 -2.44
CA VAL B 34 3.87 5.39 -2.24
C VAL B 34 4.06 5.24 -0.75
N GLU B 35 4.52 4.05 -0.36
CA GLU B 35 4.54 3.66 1.03
C GLU B 35 5.86 2.99 1.37
N LEU B 36 6.52 3.47 2.43
CA LEU B 36 7.81 2.94 2.85
C LEU B 36 7.97 3.04 4.36
N GLY B 37 8.38 1.94 4.97
CA GLY B 37 8.73 1.92 6.37
C GLY B 37 7.67 1.33 7.28
N SER B 38 8.05 1.15 8.53
CA SER B 38 7.15 0.71 9.59
C SER B 38 7.19 1.73 10.72
N GLY B 39 6.12 1.77 11.51
CA GLY B 39 6.04 2.66 12.65
C GLY B 39 4.85 3.59 12.52
N PRO B 40 4.86 4.71 13.27
CA PRO B 40 3.74 5.66 13.19
C PRO B 40 3.55 6.18 11.77
N ALA B 41 2.29 6.32 11.35
CA ALA B 41 1.97 6.74 10.00
C ALA B 41 2.24 8.24 9.81
N VAL B 42 3.01 8.57 8.78
CA VAL B 42 3.28 9.96 8.42
C VAL B 42 2.85 10.17 6.98
N CYS B 43 1.87 11.06 6.80
CA CYS B 43 1.33 11.37 5.48
C CYS B 43 1.97 12.65 4.91
N LEU B 44 2.59 12.54 3.74
CA LEU B 44 3.29 13.67 3.12
C LEU B 44 2.45 14.20 1.97
N CYS B 45 2.23 15.51 1.95
CA CYS B 45 1.31 16.16 1.00
C CYS B 45 2.03 17.28 0.24
N HIS B 46 2.26 17.04 -1.05
CA HIS B 46 3.02 17.95 -1.91
C HIS B 46 2.23 19.19 -2.36
N GLY B 47 2.95 20.09 -3.02
CA GLY B 47 2.38 21.35 -3.50
C GLY B 47 2.18 21.41 -5.01
N PHE B 48 2.01 22.63 -5.51
CA PHE B 48 1.76 22.88 -6.93
C PHE B 48 3.04 23.35 -7.63
N PRO B 49 3.35 22.76 -8.80
CA PRO B 49 2.75 21.62 -9.47
C PRO B 49 3.69 20.42 -9.32
N GLU B 50 3.49 19.62 -8.28
CA GLU B 50 4.50 18.64 -7.90
C GLU B 50 3.99 17.20 -7.96
N SER B 51 4.35 16.37 -6.99
CA SER B 51 4.24 14.92 -7.10
C SER B 51 4.66 14.31 -5.77
N TRP B 52 4.26 13.05 -5.53
CA TRP B 52 4.82 12.30 -4.41
C TRP B 52 6.35 12.35 -4.48
N TYR B 53 6.87 12.37 -5.70
CA TYR B 53 8.30 12.32 -5.98
C TYR B 53 9.06 13.55 -5.45
N SER B 54 8.36 14.66 -5.22
CA SER B 54 8.97 15.83 -4.56
C SER B 54 9.47 15.52 -3.16
N TRP B 55 8.96 14.45 -2.54
CA TRP B 55 9.43 13.98 -1.25
C TRP B 55 10.51 12.89 -1.32
N ARG B 56 11.05 12.66 -2.52
CA ARG B 56 12.02 11.57 -2.75
C ARG B 56 13.19 11.50 -1.75
N TYR B 57 13.67 12.65 -1.26
CA TYR B 57 14.75 12.65 -0.27
C TYR B 57 14.27 12.45 1.17
N GLN B 58 13.00 12.75 1.44
CA GLN B 58 12.47 12.59 2.80
C GLN B 58 11.96 11.18 3.04
N ILE B 59 11.47 10.51 2.01
CA ILE B 59 10.83 9.20 2.18
C ILE B 59 11.79 8.17 2.82
N PRO B 60 12.98 7.97 2.24
CA PRO B 60 13.89 7.00 2.88
C PRO B 60 14.42 7.46 4.23
N ALA B 61 14.63 8.76 4.41
CA ALA B 61 15.14 9.28 5.67
C ALA B 61 14.14 9.05 6.81
N LEU B 62 12.87 9.36 6.56
CA LEU B 62 11.82 9.18 7.58
C LEU B 62 11.56 7.70 7.87
N ALA B 63 11.55 6.86 6.83
CA ALA B 63 11.39 5.43 7.04
C ALA B 63 12.53 4.88 7.89
N GLN B 64 13.76 5.28 7.57
CA GLN B 64 14.93 4.87 8.35
C GLN B 64 14.87 5.34 9.81
N ALA B 65 14.29 6.52 10.02
CA ALA B 65 14.13 7.07 11.37
C ALA B 65 13.03 6.37 12.18
N GLY B 66 12.27 5.47 11.56
CA GLY B 66 11.30 4.65 12.28
C GLY B 66 9.85 5.01 12.04
N TYR B 67 9.53 5.50 10.84
CA TYR B 67 8.17 5.87 10.50
C TYR B 67 7.66 5.14 9.27
N ARG B 68 6.34 5.02 9.19
CA ARG B 68 5.66 4.47 8.02
C ARG B 68 5.23 5.66 7.18
N VAL B 69 5.92 5.86 6.07
CA VAL B 69 5.72 7.04 5.24
C VAL B 69 4.71 6.75 4.13
N LEU B 70 3.66 7.58 4.05
CA LEU B 70 2.72 7.55 2.93
C LEU B 70 2.88 8.85 2.18
N ALA B 71 3.45 8.80 0.98
CA ALA B 71 3.64 9.99 0.17
C ALA B 71 2.59 10.02 -0.94
N MET B 72 1.73 11.02 -0.89
CA MET B 72 0.55 11.10 -1.74
C MET B 72 0.87 11.66 -3.12
N ASP B 73 0.16 11.18 -4.14
CA ASP B 73 -0.16 12.02 -5.30
C ASP B 73 -1.46 12.70 -4.90
N MET B 74 -1.44 14.01 -4.68
CA MET B 74 -2.65 14.73 -4.31
C MET B 74 -3.64 14.68 -5.48
N LYS B 75 -4.91 14.87 -5.17
CA LYS B 75 -5.97 14.84 -6.19
C LYS B 75 -5.63 15.79 -7.33
N GLY B 76 -5.73 15.29 -8.56
CA GLY B 76 -5.37 16.06 -9.75
C GLY B 76 -3.99 15.73 -10.33
N TYR B 77 -3.19 14.95 -9.61
CA TYR B 77 -1.79 14.71 -9.97
C TYR B 77 -1.44 13.25 -10.16
N GLY B 78 -0.49 13.00 -11.06
CA GLY B 78 0.13 11.70 -11.22
C GLY B 78 -0.87 10.59 -11.46
N GLU B 79 -0.81 9.55 -10.63
CA GLU B 79 -1.68 8.41 -10.79
C GLU B 79 -2.99 8.55 -10.01
N SER B 80 -3.16 9.66 -9.28
CA SER B 80 -4.44 9.94 -8.63
C SER B 80 -5.42 10.48 -9.65
N SER B 81 -6.71 10.37 -9.37
CA SER B 81 -7.74 10.86 -10.28
C SER B 81 -7.66 12.36 -10.43
N ALA B 82 -8.03 12.85 -11.61
CA ALA B 82 -8.03 14.27 -11.91
C ALA B 82 -9.31 14.64 -12.66
N PRO B 83 -10.46 14.61 -11.95
CA PRO B 83 -11.72 15.02 -12.58
C PRO B 83 -11.65 16.48 -13.05
N PRO B 84 -12.43 16.85 -14.08
CA PRO B 84 -12.32 18.18 -14.68
C PRO B 84 -12.92 19.33 -13.84
N GLU B 85 -13.92 19.02 -13.02
CA GLU B 85 -14.71 20.07 -12.35
C GLU B 85 -13.90 20.84 -11.32
N ILE B 86 -14.04 22.17 -11.32
CA ILE B 86 -13.33 23.04 -10.39
C ILE B 86 -13.63 22.70 -8.93
N GLU B 87 -14.91 22.44 -8.64
CA GLU B 87 -15.40 22.22 -7.27
C GLU B 87 -14.82 20.98 -6.59
N GLU B 88 -14.34 20.02 -7.38
CA GLU B 88 -13.70 18.82 -6.84
C GLU B 88 -12.37 19.11 -6.12
N TYR B 89 -11.87 20.33 -6.26
CA TYR B 89 -10.59 20.72 -5.69
C TYR B 89 -10.70 21.82 -4.62
N CYS B 90 -11.90 22.06 -4.11
CA CYS B 90 -12.04 22.95 -2.96
C CYS B 90 -11.57 22.22 -1.71
N MET B 91 -11.13 22.97 -0.72
CA MET B 91 -10.49 22.39 0.45
C MET B 91 -11.41 21.49 1.24
N GLU B 92 -12.71 21.83 1.26
CA GLU B 92 -13.67 20.99 1.97
C GLU B 92 -13.71 19.58 1.36
N VAL B 93 -13.76 19.50 0.03
CA VAL B 93 -13.80 18.21 -0.66
C VAL B 93 -12.48 17.47 -0.50
N LEU B 94 -11.36 18.19 -0.66
CA LEU B 94 -10.04 17.58 -0.58
C LEU B 94 -9.80 16.98 0.81
N CYS B 95 -10.20 17.71 1.84
CA CYS B 95 -10.03 17.22 3.22
C CYS B 95 -10.89 16.01 3.53
N LYS B 96 -12.18 16.06 3.16
CA LYS B 96 -13.07 14.90 3.35
C LYS B 96 -12.47 13.65 2.72
N GLU B 97 -11.91 13.79 1.53
CA GLU B 97 -11.30 12.66 0.83
C GLU B 97 -10.09 12.11 1.57
N MET B 98 -9.27 12.98 2.15
CA MET B 98 -8.12 12.54 2.92
C MET B 98 -8.57 11.77 4.17
N VAL B 99 -9.68 12.19 4.77
CA VAL B 99 -10.26 11.44 5.88
C VAL B 99 -10.76 10.06 5.42
N THR B 100 -11.43 10.00 4.28
CA THR B 100 -11.87 8.72 3.73
C THR B 100 -10.66 7.82 3.45
N PHE B 101 -9.59 8.43 2.94
CA PHE B 101 -8.32 7.71 2.71
C PHE B 101 -7.84 7.02 3.98
N LEU B 102 -7.79 7.75 5.08
CA LEU B 102 -7.41 7.19 6.37
C LEU B 102 -8.37 6.07 6.80
N ASP B 103 -9.67 6.30 6.61
CA ASP B 103 -10.69 5.28 6.93
C ASP B 103 -10.43 3.97 6.20
N LYS B 104 -10.22 4.05 4.89
CA LYS B 104 -10.08 2.84 4.09
C LYS B 104 -8.80 2.07 4.43
N LEU B 105 -7.75 2.80 4.82
CA LEU B 105 -6.50 2.18 5.27
C LEU B 105 -6.57 1.67 6.70
N GLY B 106 -7.63 2.01 7.43
CA GLY B 106 -7.79 1.61 8.81
C GLY B 106 -6.84 2.33 9.73
N LEU B 107 -6.55 3.59 9.40
CA LEU B 107 -5.71 4.45 10.22
C LEU B 107 -6.59 5.45 10.99
N SER B 108 -6.61 5.34 12.31
CA SER B 108 -7.37 6.28 13.12
C SER B 108 -6.73 7.68 13.12
N GLN B 109 -5.41 7.74 13.00
CA GLN B 109 -4.69 9.01 12.95
C GLN B 109 -3.44 8.90 12.11
N ALA B 110 -2.97 10.03 11.61
CA ALA B 110 -1.67 10.12 10.95
C ALA B 110 -1.05 11.47 11.27
N VAL B 111 0.27 11.54 11.26
CA VAL B 111 0.97 12.82 11.25
C VAL B 111 0.85 13.34 9.82
N PHE B 112 0.47 14.60 9.67
CA PHE B 112 0.36 15.19 8.34
C PHE B 112 1.46 16.23 8.15
N ILE B 113 2.24 16.08 7.08
CA ILE B 113 3.29 17.02 6.74
C ILE B 113 3.03 17.51 5.33
N GLY B 114 2.93 18.81 5.16
CA GLY B 114 2.59 19.39 3.86
C GLY B 114 3.53 20.48 3.42
N HIS B 115 3.62 20.68 2.11
CA HIS B 115 4.38 21.79 1.54
C HIS B 115 3.49 22.53 0.54
N ASP B 116 3.58 23.87 0.54
CA ASP B 116 2.85 24.71 -0.41
C ASP B 116 1.33 24.45 -0.27
N TRP B 117 0.61 24.17 -1.36
CA TRP B 117 -0.81 23.82 -1.28
C TRP B 117 -1.08 22.65 -0.34
N GLY B 118 -0.14 21.72 -0.27
CA GLY B 118 -0.22 20.62 0.67
C GLY B 118 -0.15 21.10 2.11
N GLY B 119 0.67 22.13 2.36
CA GLY B 119 0.73 22.75 3.67
C GLY B 119 -0.60 23.37 4.08
N MET B 120 -1.24 24.07 3.15
CA MET B 120 -2.56 24.65 3.42
C MET B 120 -3.53 23.53 3.76
N LEU B 121 -3.50 22.45 2.99
CA LEU B 121 -4.36 21.29 3.24
C LEU B 121 -4.18 20.75 4.65
N VAL B 122 -2.94 20.53 5.09
CA VAL B 122 -2.73 19.90 6.40
C VAL B 122 -3.18 20.81 7.55
N TRP B 123 -3.03 22.13 7.40
CA TRP B 123 -3.58 23.06 8.38
C TRP B 123 -5.09 22.93 8.50
N TYR B 124 -5.77 22.84 7.37
CA TYR B 124 -7.22 22.62 7.36
C TYR B 124 -7.60 21.26 7.96
N MET B 125 -6.82 20.23 7.70
CA MET B 125 -7.03 18.91 8.32
C MET B 125 -6.95 19.04 9.84
N ALA B 126 -5.93 19.74 10.33
CA ALA B 126 -5.77 19.94 11.77
C ALA B 126 -6.93 20.75 12.38
N LEU B 127 -7.45 21.72 11.63
CA LEU B 127 -8.56 22.56 12.09
C LEU B 127 -9.89 21.80 12.16
N PHE B 128 -10.22 21.12 11.07
CA PHE B 128 -11.54 20.52 10.90
C PHE B 128 -11.59 19.04 11.27
N TYR B 129 -10.46 18.35 11.23
CA TYR B 129 -10.41 16.93 11.59
C TYR B 129 -9.31 16.64 12.59
N PRO B 130 -9.31 17.35 13.74
CA PRO B 130 -8.23 17.18 14.72
C PRO B 130 -8.13 15.76 15.27
N GLU B 131 -9.26 15.07 15.32
CA GLU B 131 -9.29 13.69 15.79
C GLU B 131 -8.49 12.72 14.89
N ARG B 132 -8.27 13.10 13.63
CA ARG B 132 -7.53 12.25 12.68
C ARG B 132 -6.08 12.68 12.43
N VAL B 133 -5.66 13.76 13.06
CA VAL B 133 -4.33 14.32 12.85
C VAL B 133 -3.56 14.25 14.17
N ARG B 134 -2.57 13.36 14.23
CA ARG B 134 -1.73 13.19 15.42
C ARG B 134 -0.90 14.44 15.69
N ALA B 135 -0.33 14.98 14.62
CA ALA B 135 0.51 16.16 14.67
C ALA B 135 0.57 16.72 13.26
N VAL B 136 0.89 18.00 13.14
CA VAL B 136 0.91 18.65 11.83
C VAL B 136 2.19 19.45 11.61
N ALA B 137 2.75 19.36 10.41
CA ALA B 137 3.90 20.18 10.02
C ALA B 137 3.66 20.80 8.65
N SER B 138 4.06 22.05 8.49
CA SER B 138 3.99 22.72 7.19
C SER B 138 5.36 23.27 6.79
N LEU B 139 5.73 23.02 5.54
CA LEU B 139 6.88 23.65 4.93
C LEU B 139 6.41 24.86 4.13
N ASN B 140 6.87 26.04 4.54
CA ASN B 140 6.67 27.32 3.83
C ASN B 140 5.29 27.95 4.05
N THR B 141 4.22 27.15 3.99
CA THR B 141 2.85 27.68 4.08
C THR B 141 2.44 27.99 5.52
N PRO B 142 2.19 29.27 5.81
CA PRO B 142 1.81 29.64 7.17
C PRO B 142 0.36 29.31 7.45
N PHE B 143 -0.02 29.32 8.73
CA PHE B 143 -1.43 29.23 9.12
C PHE B 143 -1.90 30.62 9.49
N ILE B 144 -2.77 31.19 8.67
CA ILE B 144 -3.36 32.51 8.90
C ILE B 144 -4.87 32.34 8.99
N PRO B 145 -5.46 32.61 10.18
CA PRO B 145 -6.92 32.54 10.32
C PRO B 145 -7.65 33.38 9.27
N ALA B 146 -8.81 32.90 8.84
CA ALA B 146 -9.58 33.60 7.82
C ALA B 146 -10.08 34.93 8.37
N ASN B 147 -9.96 35.97 7.55
CA ASN B 147 -10.49 37.28 7.87
C ASN B 147 -11.86 37.43 7.21
N PRO B 148 -12.94 37.39 8.01
CA PRO B 148 -14.28 37.43 7.42
C PRO B 148 -14.67 38.79 6.79
N ASN B 149 -13.85 39.82 6.98
CA ASN B 149 -14.12 41.14 6.42
C ASN B 149 -13.45 41.42 5.07
N MET B 150 -12.56 40.52 4.62
CA MET B 150 -11.91 40.67 3.31
C MET B 150 -12.03 39.39 2.49
N SER B 151 -12.48 39.55 1.25
CA SER B 151 -12.50 38.44 0.29
C SER B 151 -11.06 38.10 -0.10
N PRO B 152 -10.86 36.90 -0.67
CA PRO B 152 -9.53 36.56 -1.18
C PRO B 152 -9.12 37.45 -2.35
N LEU B 153 -10.09 37.74 -3.22
CA LEU B 153 -9.88 38.64 -4.36
C LEU B 153 -9.38 40.00 -3.89
N GLU B 154 -9.94 40.49 -2.78
CA GLU B 154 -9.53 41.76 -2.19
C GLU B 154 -8.09 41.73 -1.68
N SER B 155 -7.68 40.61 -1.11
CA SER B 155 -6.32 40.44 -0.59
C SER B 155 -5.25 40.40 -1.69
N ILE B 156 -5.59 39.87 -2.86
CA ILE B 156 -4.65 39.81 -3.98
C ILE B 156 -4.38 41.20 -4.56
N LYS B 157 -5.38 42.08 -4.53
CA LYS B 157 -5.19 43.47 -4.96
C LYS B 157 -4.31 44.24 -4.00
N ALA B 158 -4.47 43.99 -2.70
CA ALA B 158 -3.63 44.60 -1.67
C ALA B 158 -2.23 44.01 -1.63
N ASN B 159 -2.10 42.75 -2.08
CA ASN B 159 -0.83 42.03 -2.05
C ASN B 159 -0.41 41.59 -3.47
N PRO B 160 0.25 42.49 -4.22
CA PRO B 160 0.52 42.26 -5.65
C PRO B 160 1.40 41.05 -5.99
N VAL B 161 2.22 40.59 -5.04
CA VAL B 161 3.03 39.38 -5.23
C VAL B 161 2.19 38.16 -5.66
N PHE B 162 0.93 38.13 -5.23
CA PHE B 162 -0.01 37.08 -5.63
C PHE B 162 -0.75 37.34 -6.95
N ASP B 163 -0.27 38.29 -7.76
CA ASP B 163 -0.90 38.61 -9.05
C ASP B 163 -1.08 37.37 -9.95
N TYR B 164 -0.04 36.54 -10.01
CA TYR B 164 -0.07 35.31 -10.79
C TYR B 164 -1.32 34.45 -10.54
N GLN B 165 -1.88 34.55 -9.33
CA GLN B 165 -3.08 33.78 -8.99
C GLN B 165 -4.29 34.22 -9.81
N LEU B 166 -4.35 35.50 -10.17
CA LEU B 166 -5.40 36.00 -11.07
C LEU B 166 -5.28 35.36 -12.45
N TYR B 167 -4.05 35.18 -12.91
CA TYR B 167 -3.77 34.55 -14.20
C TYR B 167 -4.20 33.08 -14.21
N PHE B 168 -4.12 32.43 -13.07
CA PHE B 168 -4.55 31.03 -12.92
C PHE B 168 -6.08 30.83 -12.89
N GLN B 169 -6.88 31.91 -12.81
CA GLN B 169 -8.33 31.77 -12.66
C GLN B 169 -9.05 31.26 -13.90
N GLU B 170 -8.80 31.89 -15.04
CA GLU B 170 -9.51 31.56 -16.29
C GLU B 170 -9.15 30.15 -16.79
N PRO B 171 -10.12 29.21 -16.75
CA PRO B 171 -9.81 27.83 -17.16
C PRO B 171 -9.37 27.73 -18.62
N GLY B 172 -8.26 27.04 -18.84
CA GLY B 172 -7.71 26.84 -20.17
C GLY B 172 -6.47 27.68 -20.48
N VAL B 173 -6.36 28.84 -19.85
CA VAL B 173 -5.29 29.79 -20.18
C VAL B 173 -3.94 29.34 -19.62
N ALA B 174 -3.83 29.23 -18.30
CA ALA B 174 -2.58 28.74 -17.69
C ALA B 174 -2.24 27.32 -18.18
N GLU B 175 -3.26 26.47 -18.31
CA GLU B 175 -3.07 25.11 -18.83
C GLU B 175 -2.30 25.08 -20.16
N ALA B 176 -2.71 25.92 -21.10
CA ALA B 176 -2.09 25.93 -22.43
C ALA B 176 -0.62 26.30 -22.36
N GLU B 177 -0.28 27.29 -21.54
CA GLU B 177 1.10 27.72 -21.40
C GLU B 177 1.94 26.65 -20.72
N LEU B 178 1.45 26.13 -19.61
CA LEU B 178 2.19 25.15 -18.82
C LEU B 178 2.37 23.81 -19.55
N GLU B 179 1.37 23.41 -20.34
CA GLU B 179 1.42 22.15 -21.08
C GLU B 179 2.10 22.26 -22.46
N GLN B 180 2.41 23.48 -22.91
CA GLN B 180 2.99 23.68 -24.23
C GLN B 180 4.32 22.95 -24.38
N ASN B 181 5.18 23.10 -23.36
CA ASN B 181 6.46 22.41 -23.32
C ASN B 181 6.76 22.02 -21.87
N LEU B 182 6.39 20.79 -21.51
CA LEU B 182 6.49 20.33 -20.14
C LEU B 182 7.93 20.37 -19.63
N SER B 183 8.87 19.96 -20.46
CA SER B 183 10.28 19.98 -20.10
C SER B 183 10.73 21.40 -19.73
N ARG B 184 10.37 22.37 -20.58
CA ARG B 184 10.66 23.78 -20.32
C ARG B 184 9.94 24.26 -19.06
N THR B 185 8.68 23.85 -18.90
CA THR B 185 7.89 24.23 -17.72
C THR B 185 8.61 23.88 -16.44
N PHE B 186 9.04 22.62 -16.31
CA PHE B 186 9.62 22.17 -15.05
C PHE B 186 11.05 22.65 -14.84
N LYS B 187 11.83 22.74 -15.91
CA LYS B 187 13.17 23.33 -15.82
C LYS B 187 13.11 24.81 -15.41
N SER B 188 12.08 25.52 -15.87
CA SER B 188 11.94 26.94 -15.54
C SER B 188 11.51 27.15 -14.09
N LEU B 189 10.63 26.28 -13.59
CA LEU B 189 10.10 26.40 -12.24
C LEU B 189 11.06 25.90 -11.17
N PHE B 190 11.55 24.67 -11.34
CA PHE B 190 12.32 24.00 -10.30
C PHE B 190 13.76 24.48 -10.31
N ARG B 191 14.02 25.59 -9.61
CA ARG B 191 15.35 26.17 -9.57
C ARG B 191 15.62 26.76 -8.19
N ALA B 192 16.90 26.87 -7.83
CA ALA B 192 17.29 27.63 -6.64
C ALA B 192 16.94 29.11 -6.82
N SER B 193 16.78 29.83 -5.72
CA SER B 193 16.33 31.23 -5.82
C SER B 193 17.33 32.13 -6.55
N ASP B 194 18.62 31.83 -6.40
CA ASP B 194 19.67 32.53 -7.14
C ASP B 194 19.78 32.10 -8.62
N GLU B 195 19.03 31.07 -9.02
CA GLU B 195 18.99 30.63 -10.42
C GLU B 195 17.70 31.07 -11.12
N SER B 196 16.89 31.89 -10.46
CA SER B 196 15.57 32.26 -10.97
C SER B 196 15.60 32.78 -12.41
N VAL B 197 14.65 32.32 -13.23
CA VAL B 197 14.52 32.81 -14.61
C VAL B 197 13.12 33.37 -14.90
N LEU B 198 12.33 33.65 -13.85
CA LEU B 198 10.99 34.24 -14.02
C LEU B 198 10.53 34.99 -12.78
N SER B 199 9.62 35.94 -12.96
CA SER B 199 9.06 36.73 -11.87
C SER B 199 7.56 36.53 -11.75
N MET B 200 7.03 36.75 -10.55
CA MET B 200 5.59 36.68 -10.29
C MET B 200 5.08 38.05 -9.85
N HIS B 201 5.57 39.11 -10.49
CA HIS B 201 5.18 40.49 -10.19
C HIS B 201 3.95 40.91 -10.99
N LYS B 202 4.07 40.81 -12.32
CA LYS B 202 2.97 41.16 -13.23
C LYS B 202 2.90 40.12 -14.36
N VAL B 203 2.11 39.08 -14.12
CA VAL B 203 1.98 37.95 -15.05
C VAL B 203 0.87 38.18 -16.07
N CYS B 204 -0.26 38.74 -15.63
CA CYS B 204 -1.44 38.92 -16.49
C CYS B 204 -1.17 39.80 -17.70
N GLU B 205 -0.69 41.01 -17.46
CA GLU B 205 -0.41 41.95 -18.55
C GLU B 205 0.83 41.56 -19.35
N ALA B 206 1.78 40.89 -18.69
CA ALA B 206 2.92 40.31 -19.39
C ALA B 206 2.44 39.29 -20.43
N GLY B 207 1.37 38.58 -20.12
CA GLY B 207 0.74 37.63 -21.04
C GLY B 207 0.94 36.19 -20.63
N GLY B 208 1.70 35.96 -19.57
CA GLY B 208 1.97 34.60 -19.11
C GLY B 208 3.20 34.49 -18.23
N LEU B 209 3.40 33.27 -17.74
CA LEU B 209 4.46 32.94 -16.80
C LEU B 209 5.85 32.94 -17.46
N PHE B 210 5.92 32.45 -18.70
CA PHE B 210 7.20 32.25 -19.39
C PHE B 210 7.39 33.18 -20.59
N VAL B 211 6.67 34.31 -20.62
CA VAL B 211 6.64 35.19 -21.80
C VAL B 211 8.02 35.67 -22.24
N ASN B 212 8.88 35.99 -21.27
CA ASN B 212 10.27 36.37 -21.58
C ASN B 212 11.26 35.71 -20.64
N SER B 213 11.17 34.38 -20.59
CA SER B 213 12.15 33.53 -19.93
C SER B 213 12.74 32.63 -21.01
N PRO B 214 13.95 32.09 -20.80
CA PRO B 214 14.64 31.38 -21.89
C PRO B 214 13.80 30.27 -22.54
N GLU B 215 13.94 30.12 -23.85
CA GLU B 215 13.23 29.08 -24.59
C GLU B 215 13.78 27.71 -24.24
N GLU B 216 15.11 27.63 -24.06
CA GLU B 216 15.78 26.41 -23.63
C GLU B 216 16.55 26.68 -22.33
N PRO B 217 15.83 26.65 -21.18
CA PRO B 217 16.49 26.94 -19.91
C PRO B 217 17.53 25.89 -19.52
N SER B 218 18.56 26.33 -18.81
CA SER B 218 19.58 25.41 -18.31
C SER B 218 19.00 24.56 -17.19
N LEU B 219 19.73 23.51 -16.84
CA LEU B 219 19.33 22.60 -15.80
C LEU B 219 19.80 23.15 -14.46
N SER B 220 18.86 23.36 -13.53
CA SER B 220 19.19 23.82 -12.18
C SER B 220 20.14 22.85 -11.46
N ARG B 221 20.96 23.40 -10.57
CA ARG B 221 21.83 22.60 -9.70
C ARG B 221 21.04 21.61 -8.86
N MET B 222 19.78 21.93 -8.57
CA MET B 222 18.95 21.12 -7.68
C MET B 222 18.52 19.79 -8.27
N VAL B 223 18.45 19.69 -9.59
CA VAL B 223 17.79 18.55 -10.24
C VAL B 223 18.58 17.99 -11.41
N THR B 224 18.43 16.68 -11.66
CA THR B 224 19.01 16.03 -12.81
C THR B 224 17.99 16.02 -13.94
N GLU B 225 18.46 15.73 -15.15
CA GLU B 225 17.60 15.57 -16.32
C GLU B 225 16.59 14.45 -16.09
N GLU B 226 17.05 13.36 -15.48
CA GLU B 226 16.21 12.21 -15.20
C GLU B 226 15.07 12.58 -14.27
N GLU B 227 15.36 13.42 -13.26
CA GLU B 227 14.33 13.86 -12.32
C GLU B 227 13.29 14.75 -13.01
N ILE B 228 13.74 15.67 -13.85
CA ILE B 228 12.83 16.51 -14.62
C ILE B 228 11.91 15.65 -15.49
N GLN B 229 12.47 14.65 -16.16
CA GLN B 229 11.69 13.82 -17.07
C GLN B 229 10.63 12.96 -16.35
N PHE B 230 10.84 12.65 -15.07
CA PHE B 230 9.80 11.96 -14.31
C PHE B 230 8.58 12.87 -14.16
N TYR B 231 8.81 14.13 -13.79
CA TYR B 231 7.70 15.08 -13.71
C TYR B 231 6.99 15.22 -15.06
N VAL B 232 7.77 15.32 -16.14
CA VAL B 232 7.22 15.42 -17.49
C VAL B 232 6.26 14.26 -17.75
N GLN B 233 6.76 13.05 -17.52
CA GLN B 233 5.99 11.84 -17.72
C GLN B 233 4.69 11.86 -16.90
N GLN B 234 4.80 12.28 -15.64
CA GLN B 234 3.64 12.33 -14.75
C GLN B 234 2.55 13.28 -15.23
N PHE B 235 2.95 14.48 -15.65
CA PHE B 235 1.98 15.49 -16.07
C PHE B 235 1.41 15.27 -17.47
N LYS B 236 1.97 14.30 -18.21
CA LYS B 236 1.39 13.90 -19.49
C LYS B 236 0.04 13.18 -19.33
N LYS B 237 -0.20 12.56 -18.18
CA LYS B 237 -1.45 11.79 -17.99
C LYS B 237 -2.67 12.69 -17.93
N SER B 238 -2.67 13.66 -17.02
CA SER B 238 -3.83 14.51 -16.78
C SER B 238 -3.60 15.99 -17.06
N GLY B 239 -2.34 16.41 -17.17
CA GLY B 239 -2.04 17.81 -17.43
C GLY B 239 -2.22 18.68 -16.21
N PHE B 240 -2.47 19.96 -16.45
CA PHE B 240 -2.46 20.98 -15.40
C PHE B 240 -3.84 21.47 -14.95
N ARG B 241 -4.90 20.99 -15.59
CA ARG B 241 -6.24 21.43 -15.22
C ARG B 241 -6.56 21.15 -13.75
N GLY B 242 -6.42 19.90 -13.34
CA GLY B 242 -6.66 19.50 -11.96
C GLY B 242 -5.84 20.30 -10.96
N PRO B 243 -4.50 20.33 -11.14
CA PRO B 243 -3.63 21.13 -10.29
C PRO B 243 -4.02 22.61 -10.21
N LEU B 244 -4.31 23.23 -11.35
CA LEU B 244 -4.72 24.63 -11.36
C LEU B 244 -6.07 24.86 -10.68
N ASN B 245 -6.96 23.87 -10.69
CA ASN B 245 -8.26 23.98 -10.01
C ASN B 245 -8.15 24.19 -8.50
N TRP B 246 -7.01 23.82 -7.91
CA TRP B 246 -6.75 24.13 -6.49
C TRP B 246 -6.80 25.64 -6.24
N TYR B 247 -6.42 26.43 -7.24
CA TYR B 247 -6.46 27.90 -7.15
C TYR B 247 -7.84 28.53 -7.43
N ARG B 248 -8.79 27.75 -7.94
CA ARG B 248 -10.03 28.31 -8.48
C ARG B 248 -11.23 28.09 -7.56
N ASN B 249 -10.95 27.98 -6.27
CA ASN B 249 -11.98 27.79 -5.26
C ASN B 249 -11.81 28.80 -4.12
N MET B 250 -11.37 30.01 -4.44
CA MET B 250 -11.03 30.98 -3.40
C MET B 250 -12.23 31.35 -2.52
N GLU B 251 -13.38 31.62 -3.13
CA GLU B 251 -14.57 32.02 -2.37
C GLU B 251 -15.07 30.88 -1.49
N ARG B 252 -15.22 29.68 -2.06
CA ARG B 252 -15.61 28.50 -1.29
C ARG B 252 -14.68 28.23 -0.10
N ASN B 253 -13.38 28.23 -0.36
CA ASN B 253 -12.40 27.95 0.71
C ASN B 253 -12.50 28.98 1.84
N TRP B 254 -12.66 30.24 1.46
CA TRP B 254 -12.77 31.34 2.41
C TRP B 254 -14.00 31.19 3.31
N LYS B 255 -15.15 30.92 2.71
CA LYS B 255 -16.39 30.71 3.45
C LYS B 255 -16.33 29.48 4.37
N TRP B 256 -15.66 28.43 3.89
CA TRP B 256 -15.46 27.23 4.72
C TRP B 256 -14.55 27.55 5.90
N ALA B 257 -13.42 28.21 5.62
CA ALA B 257 -12.44 28.58 6.66
C ALA B 257 -13.07 29.46 7.73
N CYS B 258 -13.96 30.37 7.33
CA CYS B 258 -14.64 31.25 8.27
C CYS B 258 -15.48 30.52 9.32
N LYS B 259 -16.00 29.34 8.98
CA LYS B 259 -16.76 28.52 9.94
C LYS B 259 -15.90 27.90 11.06
N SER B 260 -14.58 27.94 10.91
CA SER B 260 -13.68 27.44 11.94
C SER B 260 -13.08 28.53 12.85
N LEU B 261 -13.51 29.78 12.67
CA LEU B 261 -12.81 30.92 13.29
C LEU B 261 -12.44 30.71 14.76
N GLY B 262 -13.41 30.32 15.57
CA GLY B 262 -13.19 30.22 17.01
C GLY B 262 -12.24 29.11 17.48
N ARG B 263 -12.14 28.02 16.71
CA ARG B 263 -11.44 26.84 17.20
C ARG B 263 -9.94 26.92 16.95
N LYS B 264 -9.19 26.23 17.82
CA LYS B 264 -7.74 26.33 17.86
C LYS B 264 -7.11 24.98 17.54
N ILE B 265 -5.86 25.02 17.06
CA ILE B 265 -5.08 23.83 16.83
C ILE B 265 -4.30 23.51 18.10
N LEU B 266 -4.68 22.44 18.79
CA LEU B 266 -4.06 22.05 20.05
C LEU B 266 -3.05 20.92 19.93
N ILE B 267 -3.06 20.23 18.79
CA ILE B 267 -2.12 19.15 18.53
C ILE B 267 -0.71 19.71 18.30
N PRO B 268 0.33 18.87 18.46
CA PRO B 268 1.69 19.34 18.20
C PRO B 268 1.83 19.87 16.77
N ALA B 269 2.53 20.98 16.61
CA ALA B 269 2.63 21.65 15.32
C ALA B 269 4.04 22.16 15.05
N LEU B 270 4.45 22.08 13.77
CA LEU B 270 5.76 22.53 13.31
C LEU B 270 5.61 23.43 12.10
N MET B 271 6.24 24.60 12.13
CA MET B 271 6.28 25.52 10.99
C MET B 271 7.73 25.69 10.53
N VAL B 272 7.98 25.32 9.28
CA VAL B 272 9.31 25.44 8.72
C VAL B 272 9.29 26.54 7.67
N THR B 273 10.09 27.57 7.87
CA THR B 273 10.19 28.67 6.92
C THR B 273 11.46 28.54 6.07
N ALA B 274 11.39 29.08 4.85
CA ALA B 274 12.48 29.05 3.90
C ALA B 274 12.90 30.49 3.60
N GLU B 275 14.16 30.81 3.89
CA GLU B 275 14.69 32.19 3.77
C GLU B 275 14.41 32.84 2.42
N LYS B 276 14.63 32.11 1.34
CA LYS B 276 14.53 32.66 -0.02
C LYS B 276 13.28 32.25 -0.81
N ASP B 277 12.22 31.85 -0.11
CA ASP B 277 10.91 31.75 -0.75
C ASP B 277 10.34 33.16 -0.83
N PHE B 278 10.27 33.72 -2.03
CA PHE B 278 9.86 35.12 -2.21
C PHE B 278 8.35 35.32 -2.33
N VAL B 279 7.59 34.23 -2.34
CA VAL B 279 6.12 34.32 -2.29
C VAL B 279 5.65 33.96 -0.89
N LEU B 280 5.98 32.75 -0.45
CA LEU B 280 5.68 32.31 0.92
C LEU B 280 6.83 32.71 1.84
N VAL B 281 6.92 34.00 2.09
CA VAL B 281 8.01 34.60 2.82
C VAL B 281 7.90 34.20 4.30
N PRO B 282 9.05 34.02 4.99
CA PRO B 282 9.02 33.64 6.41
C PRO B 282 8.14 34.54 7.28
N GLN B 283 8.25 35.87 7.09
CA GLN B 283 7.46 36.82 7.87
C GLN B 283 5.94 36.60 7.81
N MET B 284 5.44 35.94 6.75
CA MET B 284 4.03 35.59 6.71
C MET B 284 3.59 34.72 7.89
N SER B 285 4.52 33.98 8.47
CA SER B 285 4.24 33.09 9.60
C SER B 285 4.43 33.73 10.98
N GLN B 286 4.81 35.01 11.01
CA GLN B 286 5.38 35.61 12.23
C GLN B 286 4.49 35.61 13.47
N HIS B 287 3.17 35.62 13.29
CA HIS B 287 2.25 35.69 14.43
C HIS B 287 1.50 34.39 14.68
N MET B 288 2.05 33.28 14.22
CA MET B 288 1.37 31.98 14.35
C MET B 288 1.26 31.51 15.80
N GLU B 289 2.22 31.85 16.65
CA GLU B 289 2.14 31.45 18.06
C GLU B 289 1.04 32.19 18.84
N ASP B 290 0.54 33.30 18.29
CA ASP B 290 -0.67 33.93 18.86
C ASP B 290 -1.83 32.93 18.89
N TRP B 291 -1.98 32.14 17.82
CA TRP B 291 -3.04 31.12 17.77
C TRP B 291 -2.56 29.69 18.04
N ILE B 292 -1.25 29.45 18.01
CA ILE B 292 -0.68 28.15 18.38
C ILE B 292 0.53 28.38 19.31
N PRO B 293 0.29 28.68 20.60
CA PRO B 293 1.37 29.05 21.53
C PRO B 293 2.47 28.00 21.66
N HIS B 294 2.09 26.73 21.52
CA HIS B 294 3.01 25.60 21.63
C HIS B 294 3.73 25.25 20.31
N LEU B 295 3.58 26.10 19.29
CA LEU B 295 4.20 25.86 17.98
C LEU B 295 5.71 25.71 18.09
N LYS B 296 6.25 24.75 17.34
CA LYS B 296 7.69 24.62 17.17
C LYS B 296 8.04 25.10 15.78
N ARG B 297 9.30 25.48 15.59
CA ARG B 297 9.74 26.07 14.34
C ARG B 297 11.06 25.50 13.85
N GLY B 298 11.21 25.46 12.54
CA GLY B 298 12.49 25.28 11.88
C GLY B 298 12.64 26.39 10.86
N HIS B 299 13.89 26.75 10.57
CA HIS B 299 14.15 27.77 9.57
C HIS B 299 15.37 27.35 8.75
N ILE B 300 15.25 27.42 7.42
CA ILE B 300 16.33 27.00 6.55
C ILE B 300 16.88 28.18 5.77
N GLU B 301 18.17 28.45 5.95
CA GLU B 301 18.85 29.55 5.29
C GLU B 301 19.13 29.14 3.85
N ASP B 302 19.22 30.13 2.96
CA ASP B 302 19.64 29.90 1.56
C ASP B 302 18.69 28.93 0.83
N CYS B 303 17.43 28.89 1.26
CA CYS B 303 16.47 27.92 0.75
C CYS B 303 15.32 28.60 0.01
N GLY B 304 15.14 28.25 -1.26
CA GLY B 304 14.06 28.79 -2.06
C GLY B 304 12.72 28.11 -1.79
N HIS B 305 11.81 28.21 -2.75
CA HIS B 305 10.46 27.66 -2.58
C HIS B 305 10.43 26.11 -2.52
N TRP B 306 11.33 25.46 -3.24
CA TRP B 306 11.27 24.00 -3.44
C TRP B 306 12.05 23.32 -2.31
N THR B 307 11.58 23.54 -1.09
CA THR B 307 12.35 23.26 0.12
C THR B 307 12.93 21.85 0.21
N GLN B 308 12.13 20.84 -0.14
CA GLN B 308 12.53 19.45 0.00
C GLN B 308 13.71 19.10 -0.91
N MET B 309 13.67 19.68 -2.10
CA MET B 309 14.70 19.54 -3.15
C MET B 309 15.94 20.38 -2.90
N ASP B 310 15.72 21.58 -2.35
CA ASP B 310 16.76 22.58 -2.23
C ASP B 310 17.69 22.22 -1.08
N LYS B 311 17.11 21.92 0.08
CA LYS B 311 17.87 21.63 1.28
C LYS B 311 17.34 20.35 1.96
N PRO B 312 17.45 19.20 1.27
CA PRO B 312 16.90 17.95 1.80
C PRO B 312 17.50 17.53 3.15
N THR B 313 18.81 17.72 3.32
CA THR B 313 19.49 17.36 4.56
C THR B 313 18.92 18.14 5.75
N GLU B 314 18.72 19.43 5.55
CA GLU B 314 18.21 20.30 6.61
C GLU B 314 16.75 19.95 6.90
N VAL B 315 15.97 19.73 5.84
CA VAL B 315 14.57 19.32 6.00
C VAL B 315 14.46 18.01 6.78
N ASN B 316 15.25 17.01 6.38
CA ASN B 316 15.25 15.72 7.08
C ASN B 316 15.55 15.88 8.56
N GLN B 317 16.58 16.66 8.87
CA GLN B 317 16.99 16.88 10.28
C GLN B 317 15.88 17.50 11.09
N ILE B 318 15.28 18.56 10.57
CA ILE B 318 14.22 19.27 11.26
C ILE B 318 13.02 18.35 11.48
N LEU B 319 12.58 17.66 10.43
CA LEU B 319 11.40 16.80 10.54
C LEU B 319 11.64 15.65 11.52
N ILE B 320 12.79 14.96 11.41
CA ILE B 320 13.07 13.82 12.28
C ILE B 320 13.17 14.25 13.76
N LYS B 321 13.88 15.35 14.03
CA LYS B 321 13.96 15.87 15.39
C LYS B 321 12.56 16.10 15.94
N TRP B 322 11.72 16.75 15.14
CA TRP B 322 10.36 17.09 15.56
C TRP B 322 9.49 15.84 15.77
N LEU B 323 9.52 14.93 14.81
CA LEU B 323 8.76 13.68 14.93
C LEU B 323 9.13 12.90 16.19
N ASP B 324 10.43 12.81 16.46
CA ASP B 324 10.92 12.05 17.61
C ASP B 324 10.64 12.71 18.98
N SER B 325 10.42 14.02 19.02
CA SER B 325 10.17 14.72 20.28
C SER B 325 8.70 15.12 20.47
N ASP B 326 8.12 15.77 19.47
CA ASP B 326 6.66 16.02 19.45
C ASP B 326 6.14 16.16 18.04
C26 S74 C . -8.04 -29.84 -5.04
C32 S74 C . -9.35 -30.51 0.93
C25 S74 C . -7.09 -30.65 -4.47
C27 S74 C . -8.15 -28.53 -4.60
C31 S74 C . -9.49 -29.53 -0.02
C33 S74 C . -8.09 -30.81 1.40
C24 S74 C . -6.27 -30.17 -3.47
C28 S74 C . -7.32 -28.07 -3.60
C30 S74 C . -8.39 -28.85 -0.49
C34 S74 C . -6.99 -30.13 0.92
C12 S74 C . 4.48 -31.32 2.42
C14 S74 C . 3.15 -31.70 4.36
C11 S74 C . 3.47 -30.57 1.87
C15 S74 C . 2.14 -30.94 3.80
C23 S74 C . -6.37 -28.88 -3.02
C29 S74 C . -7.13 -29.14 -0.03
C13 S74 C . 4.32 -31.89 3.67
C10 S74 C . 2.29 -30.36 2.57
C18 S74 C . 6.62 -34.76 4.24
C3 S74 C . -2.34 -29.47 -1.00
C1 S74 C . 1.25 -29.65 -0.31
C19 S74 C . 0.41 -27.71 0.95
C6 S74 C . -0.13 -30.22 -0.40
C8 S74 C . -0.99 -28.17 0.63
C21 S74 C . -5.52 -28.32 -1.96
C22 S74 C . -5.95 -28.41 -0.52
C20 S74 C . -4.76 -29.20 -1.01
C4 S74 C . 1.43 -28.84 0.96
C16 S74 C . 5.42 -32.72 4.27
C17 S74 C . 5.72 -33.90 3.37
N5 S74 C . -1.13 -29.18 -0.39
N2 S74 C . -3.47 -28.84 -0.52
O36 S74 C . 7.70 -34.22 4.62
O35 S74 C . 6.19 -35.92 4.45
O7 S74 C . -2.40 -30.26 -1.93
O9 S74 C . 1.18 -29.63 2.12
C26 S74 D . 3.85 29.16 -10.64
C32 S74 D . 7.97 30.19 -6.32
C25 S74 D . 3.28 30.03 -9.75
C27 S74 D . 4.21 27.90 -10.21
C31 S74 D . 7.61 29.14 -7.10
C33 S74 D . 7.13 30.57 -5.30
C24 S74 D . 3.07 29.65 -8.45
C28 S74 D . 4.01 27.54 -8.91
C30 S74 D . 6.43 28.47 -6.87
C34 S74 D . 5.95 29.90 -5.07
C12 S74 D . -1.12 32.28 2.83
C14 S74 D . -3.22 31.84 1.81
C11 S74 D . -0.52 31.39 1.97
C15 S74 D . -2.62 30.94 0.95
C23 S74 D . 3.43 28.40 -8.00
C29 S74 D . 5.57 28.84 -5.86
C13 S74 D . -2.48 32.50 2.76
C10 S74 D . -1.26 30.71 1.02
C18 S74 D . -4.14 35.56 4.00
C3 S74 D . 0.94 29.25 -4.35
C1 S74 D . -1.71 29.84 -1.94
C19 S74 D . -0.48 27.86 -1.11
C6 S74 D . -0.48 30.27 -2.68
C8 S74 D . 0.56 28.11 -2.18
C21 S74 D . 3.23 27.94 -6.64
C22 S74 D . 4.31 28.11 -5.61
C20 S74 D . 3.04 28.90 -5.49
C4 S74 D . -1.31 29.06 -0.70
C16 S74 D . -3.13 33.45 3.70
C17 S74 D . -3.82 34.54 2.91
N5 S74 D . 0.22 29.11 -3.17
N2 S74 D . 2.14 28.59 -4.44
O36 S74 D . -5.10 35.26 4.76
O35 S74 D . -3.39 36.58 4.00
O7 S74 D . 0.51 29.93 -5.27
O9 S74 D . -0.53 29.85 0.19
#